data_4EG3
#
_entry.id   4EG3
#
_cell.length_a   85.477
_cell.length_b   105.908
_cell.length_c   208.445
_cell.angle_alpha   90.00
_cell.angle_beta   90.00
_cell.angle_gamma   90.00
#
_symmetry.space_group_name_H-M   'P 21 21 21'
#
loop_
_entity.id
_entity.type
_entity.pdbx_description
1 polymer 'Methionyl-tRNA synthetase, putative'
2 non-polymer GLYCEROL
3 non-polymer '[[(2R,3S,4R,5R)-5-(6-aminopurin-9-yl)-3,4-dihydroxy-oxolan-2-yl]methoxy-hydroxy-phosphoryl] (2S)-2-azanyl-4-methylsulfanyl-butanoate'
4 water water
#
_entity_poly.entity_id   1
_entity_poly.type   'polypeptide(L)'
_entity_poly.pdbx_seq_one_letter_code
;GPGSMKVEKVFFVTSPIYYVNAAPHIGHVYSTLITDVIGRYHRVKGERVFALTGTDEHGQKVAEAAKQKQVSPYDFTTAV
AGEFKKCFEQMDYSIDYFIRTTNEQHKAVVKELWTKLEQKGDIYLGRYEGWYSISDESFLTPQNITDGVDKDGNPCKVSL
ESGHVVTWVSEENYMFRLSAFRERLLEWYHANPGCIVPEFRRREVIRAVEKGLPDLSVSRARATLHNWAIPVPGNPDH
(CAS)VYVWLDALTNYLTGSRLRVDESGKEVSLVDDFNELERFPADVHVIGKDILKFHAIYWPAFLLSAGLPLPKKIVAH
GWWTKDRKKISKSLGNVFDPVEKAEEFGYDALKYFLLRESGFSDDGDYSDKNMIARLNGELADTLGNLVMRCTSAKINVN
GEWPSPAAYTEEDESLIQLIKDLPGTADHYYLIPDIQKAIIAVFDVLRAINAYVTDMAPWKLVKTDPERLRTVLYITLEG
VRVTTLLLSPILPRKSVVIFDMLGVPEVHRKGIENFEFGAVPPGTRLGPAVEGEVLFSKRSTENTKST
;
_entity_poly.pdbx_strand_id   A,B
#
loop_
_chem_comp.id
_chem_comp.type
_chem_comp.name
_chem_comp.formula
GOL non-polymer GLYCEROL 'C3 H8 O3'
ME8 non-polymer '[[(2R,3S,4R,5R)-5-(6-aminopurin-9-yl)-3,4-dihydroxy-oxolan-2-yl]methoxy-hydroxy-phosphoryl] (2S)-2-azanyl-4-methylsulfanyl-butanoate' 'C15 H23 N6 O8 P S'
#
# COMPACT_ATOMS: atom_id res chain seq x y z
N GLU A 8 -11.78 30.70 -4.79
CA GLU A 8 -12.64 29.54 -4.46
C GLU A 8 -13.99 29.57 -5.18
N LYS A 9 -14.48 28.38 -5.52
CA LYS A 9 -15.54 28.20 -6.48
C LYS A 9 -16.46 27.12 -5.96
N VAL A 10 -17.63 26.95 -6.56
CA VAL A 10 -18.39 25.73 -6.34
C VAL A 10 -17.71 24.66 -7.19
N PHE A 11 -17.43 23.51 -6.58
CA PHE A 11 -16.92 22.41 -7.37
C PHE A 11 -18.04 21.96 -8.29
N PHE A 12 -17.74 21.84 -9.56
CA PHE A 12 -18.76 21.66 -10.60
C PHE A 12 -18.38 20.43 -11.42
N VAL A 13 -19.08 19.33 -11.14
CA VAL A 13 -18.88 18.06 -11.86
C VAL A 13 -20.04 17.82 -12.82
N THR A 14 -19.74 17.21 -13.98
CA THR A 14 -20.75 16.90 -15.00
C THR A 14 -20.83 15.41 -15.34
N SER A 15 -21.97 15.04 -15.89
CA SER A 15 -22.18 13.79 -16.58
C SER A 15 -22.56 14.21 -17.99
N PRO A 16 -22.21 13.40 -18.99
CA PRO A 16 -22.72 13.77 -20.30
C PRO A 16 -24.23 13.63 -20.29
N ILE A 17 -24.92 14.50 -21.03
CA ILE A 17 -26.37 14.39 -21.17
C ILE A 17 -26.63 13.38 -22.28
N TYR A 18 -27.62 12.52 -22.10
CA TYR A 18 -27.79 11.31 -22.93
C TYR A 18 -28.87 11.46 -24.01
N TYR A 19 -28.68 10.80 -25.15
CA TYR A 19 -29.72 10.80 -26.20
C TYR A 19 -30.96 10.08 -25.67
N VAL A 20 -32.12 10.69 -25.91
CA VAL A 20 -33.41 10.23 -25.38
C VAL A 20 -34.11 9.25 -26.34
N ASN A 21 -33.35 8.66 -27.26
CA ASN A 21 -33.92 7.74 -28.24
C ASN A 21 -34.29 6.37 -27.67
N ALA A 22 -33.84 6.05 -26.46
CA ALA A 22 -34.09 4.73 -25.90
C ALA A 22 -33.99 4.74 -24.39
N ALA A 23 -34.39 3.63 -23.76
CA ALA A 23 -34.41 3.53 -22.31
C ALA A 23 -32.99 3.68 -21.76
N PRO A 24 -32.87 3.99 -20.46
CA PRO A 24 -31.54 4.13 -19.87
C PRO A 24 -30.97 2.76 -19.49
N HIS A 25 -29.64 2.65 -19.45
CA HIS A 25 -29.00 1.40 -19.02
C HIS A 25 -27.71 1.63 -18.28
N ILE A 26 -27.09 0.53 -17.84
CA ILE A 26 -25.88 0.57 -17.05
C ILE A 26 -24.84 1.62 -17.52
N GLY A 27 -24.70 1.79 -18.82
CA GLY A 27 -23.77 2.77 -19.37
C GLY A 27 -23.97 4.19 -18.84
N HIS A 28 -25.23 4.61 -18.79
CA HIS A 28 -25.56 5.97 -18.35
C HIS A 28 -25.57 6.03 -16.83
N VAL A 29 -26.01 4.95 -16.20
CA VAL A 29 -25.94 4.82 -14.74
C VAL A 29 -24.50 4.93 -14.29
N TYR A 30 -23.61 4.24 -15.01
CA TYR A 30 -22.19 4.24 -14.71
C TYR A 30 -21.64 5.65 -14.81
N SER A 31 -21.78 6.27 -15.98
CA SER A 31 -21.24 7.60 -16.21
C SER A 31 -21.71 8.60 -15.16
N THR A 32 -22.98 8.52 -14.76
CA THR A 32 -23.54 9.45 -13.79
C THR A 32 -23.11 9.14 -12.36
N LEU A 33 -22.69 7.90 -12.11
CA LEU A 33 -22.26 7.50 -10.77
C LEU A 33 -20.91 8.14 -10.51
N ILE A 34 -19.98 7.93 -11.44
CA ILE A 34 -18.70 8.63 -11.41
C ILE A 34 -18.90 10.12 -11.14
N THR A 35 -19.84 10.74 -11.86
CA THR A 35 -20.15 12.14 -11.61
C THR A 35 -20.49 12.31 -10.16
N ASP A 36 -21.37 11.44 -9.68
CA ASP A 36 -21.91 11.54 -8.34
C ASP A 36 -20.83 11.37 -7.27
N VAL A 37 -19.97 10.37 -7.45
CA VAL A 37 -18.93 10.06 -6.46
C VAL A 37 -17.96 11.23 -6.31
N ILE A 38 -17.48 11.77 -7.43
CA ILE A 38 -16.62 12.95 -7.40
C ILE A 38 -17.28 14.13 -6.70
N GLY A 39 -18.54 14.40 -7.05
CA GLY A 39 -19.33 15.44 -6.37
C GLY A 39 -19.41 15.20 -4.87
N ARG A 40 -19.83 13.97 -4.51
CA ARG A 40 -19.93 13.50 -3.11
C ARG A 40 -18.64 13.64 -2.29
N TYR A 41 -17.54 13.07 -2.79
CA TYR A 41 -16.27 13.22 -2.10
C TYR A 41 -16.01 14.70 -1.81
N HIS A 42 -16.02 15.55 -2.84
CA HIS A 42 -15.79 16.98 -2.63
C HIS A 42 -16.71 17.60 -1.59
N ARG A 43 -17.97 17.14 -1.53
CA ARG A 43 -18.88 17.58 -0.46
C ARG A 43 -18.42 17.08 0.90
N VAL A 44 -17.99 15.81 0.97
CA VAL A 44 -17.48 15.22 2.21
C VAL A 44 -16.24 16.00 2.66
N LYS A 45 -15.48 16.55 1.71
CA LYS A 45 -14.38 17.49 2.02
C LYS A 45 -14.86 18.83 2.58
N GLY A 46 -16.16 19.11 2.47
CA GLY A 46 -16.75 20.34 3.01
C GLY A 46 -16.79 21.45 1.98
N GLU A 47 -16.42 21.14 0.74
CA GLU A 47 -16.46 22.09 -0.35
C GLU A 47 -17.91 22.17 -0.81
N ARG A 48 -18.28 23.28 -1.46
CA ARG A 48 -19.60 23.36 -2.08
C ARG A 48 -19.51 22.84 -3.51
N VAL A 49 -20.56 22.13 -3.93
CA VAL A 49 -20.52 21.31 -5.13
C VAL A 49 -21.82 21.43 -5.92
N PHE A 50 -21.71 21.31 -7.25
CA PHE A 50 -22.87 21.23 -8.11
C PHE A 50 -22.69 20.11 -9.14
N ALA A 51 -23.40 19.00 -8.95
CA ALA A 51 -23.38 17.86 -9.87
C ALA A 51 -24.53 17.99 -10.85
N LEU A 52 -24.36 17.50 -12.08
CA LEU A 52 -25.29 17.81 -13.18
C LEU A 52 -25.37 16.71 -14.24
N THR A 53 -26.43 15.91 -14.19
CA THR A 53 -26.74 14.93 -15.24
C THR A 53 -27.92 15.48 -16.05
N GLY A 54 -28.24 14.84 -17.17
CA GLY A 54 -29.35 15.31 -18.02
C GLY A 54 -29.54 14.56 -19.33
N THR A 55 -30.46 15.06 -20.16
CA THR A 55 -30.79 14.42 -21.44
C THR A 55 -30.60 15.39 -22.64
N ASP A 56 -30.16 14.80 -23.76
CA ASP A 56 -29.88 15.49 -25.03
C ASP A 56 -31.05 15.13 -25.94
N GLU A 57 -31.91 16.10 -26.21
CA GLU A 57 -33.23 15.77 -26.75
C GLU A 57 -33.42 16.12 -28.22
N HIS A 58 -32.69 17.13 -28.71
CA HIS A 58 -32.84 17.53 -30.10
C HIS A 58 -32.14 16.64 -31.08
N GLY A 59 -32.39 16.88 -32.36
CA GLY A 59 -31.58 16.31 -33.42
C GLY A 59 -32.19 15.14 -34.16
N GLN A 60 -31.58 14.83 -35.30
CA GLN A 60 -32.08 13.82 -36.21
C GLN A 60 -32.14 12.44 -35.57
N LYS A 61 -31.14 12.08 -34.76
CA LYS A 61 -31.10 10.76 -34.13
C LYS A 61 -32.36 10.49 -33.33
N VAL A 62 -32.67 11.40 -32.41
CA VAL A 62 -33.86 11.31 -31.56
C VAL A 62 -35.11 11.54 -32.40
N ALA A 63 -35.07 12.56 -33.27
CA ALA A 63 -36.21 12.91 -34.12
C ALA A 63 -36.69 11.71 -34.91
N GLU A 64 -35.75 11.00 -35.52
CA GLU A 64 -36.07 9.79 -36.26
C GLU A 64 -36.42 8.60 -35.35
N ALA A 65 -35.88 8.61 -34.12
CA ALA A 65 -36.25 7.62 -33.10
C ALA A 65 -37.71 7.76 -32.68
N ALA A 66 -38.23 8.99 -32.74
CA ALA A 66 -39.63 9.27 -32.48
C ALA A 66 -40.51 8.80 -33.64
N LYS A 67 -40.08 9.10 -34.86
CA LYS A 67 -40.82 8.67 -36.04
C LYS A 67 -40.98 7.14 -36.06
N GLN A 68 -39.89 6.42 -35.77
CA GLN A 68 -39.91 4.94 -35.72
C GLN A 68 -40.94 4.39 -34.71
N LYS A 69 -41.19 5.14 -33.64
CA LYS A 69 -42.14 4.72 -32.61
C LYS A 69 -43.51 5.41 -32.76
N GLN A 70 -43.81 5.85 -33.97
CA GLN A 70 -45.15 6.33 -34.32
C GLN A 70 -45.71 7.32 -33.30
N VAL A 71 -44.92 8.34 -32.95
CA VAL A 71 -45.34 9.37 -31.99
C VAL A 71 -44.51 10.66 -32.11
N SER A 72 -45.09 11.78 -31.68
CA SER A 72 -44.44 13.08 -31.81
C SER A 72 -43.24 13.15 -30.90
N PRO A 73 -42.18 13.87 -31.32
CA PRO A 73 -41.01 14.04 -30.46
C PRO A 73 -41.37 14.62 -29.10
N TYR A 74 -42.24 15.62 -29.08
CA TYR A 74 -42.65 16.26 -27.84
C TYR A 74 -43.14 15.23 -26.82
N ASP A 75 -44.06 14.37 -27.24
CA ASP A 75 -44.57 13.31 -26.36
C ASP A 75 -43.47 12.29 -26.05
N PHE A 76 -42.82 11.82 -27.11
CA PHE A 76 -41.78 10.79 -27.01
C PHE A 76 -40.63 11.18 -26.07
N THR A 77 -39.99 12.32 -26.36
CA THR A 77 -38.81 12.75 -25.60
C THR A 77 -39.14 12.98 -24.13
N THR A 78 -40.25 13.67 -23.87
CA THR A 78 -40.73 13.85 -22.49
C THR A 78 -40.82 12.51 -21.76
N ALA A 79 -41.43 11.51 -22.41
CA ALA A 79 -41.62 10.18 -21.81
C ALA A 79 -40.29 9.50 -21.48
N VAL A 80 -39.40 9.42 -22.46
CA VAL A 80 -38.08 8.80 -22.28
C VAL A 80 -37.28 9.55 -21.24
N ALA A 81 -37.19 10.88 -21.38
CA ALA A 81 -36.55 11.72 -20.38
C ALA A 81 -37.10 11.43 -18.99
N GLY A 82 -38.39 11.09 -18.91
CA GLY A 82 -39.01 10.65 -17.66
C GLY A 82 -38.46 9.34 -17.12
N GLU A 83 -38.20 8.39 -18.00
CA GLU A 83 -37.61 7.10 -17.59
C GLU A 83 -36.25 7.33 -16.97
N PHE A 84 -35.52 8.30 -17.51
CA PHE A 84 -34.19 8.67 -17.05
C PHE A 84 -34.19 9.30 -15.66
N LYS A 85 -35.11 10.24 -15.42
CA LYS A 85 -35.24 10.82 -14.09
C LYS A 85 -35.65 9.75 -13.07
N LYS A 86 -36.49 8.81 -13.48
CA LYS A 86 -36.93 7.73 -12.59
C LYS A 86 -35.78 6.79 -12.24
N CYS A 87 -35.04 6.36 -13.26
CA CYS A 87 -33.92 5.46 -13.08
C CYS A 87 -32.94 6.08 -12.11
N PHE A 88 -32.59 7.33 -12.38
CA PHE A 88 -31.57 8.05 -11.60
C PHE A 88 -32.03 8.41 -10.18
N GLU A 89 -33.34 8.63 -9.99
CA GLU A 89 -33.90 8.78 -8.65
C GLU A 89 -33.75 7.46 -7.88
N GLN A 90 -34.08 6.33 -8.53
CA GLN A 90 -34.00 5.01 -7.89
C GLN A 90 -32.55 4.60 -7.61
N MET A 91 -31.63 5.06 -8.45
CA MET A 91 -30.21 4.80 -8.25
C MET A 91 -29.61 5.59 -7.09
N ASP A 92 -30.42 6.43 -6.44
CA ASP A 92 -30.08 6.95 -5.12
C ASP A 92 -28.79 7.74 -5.22
N TYR A 93 -28.77 8.69 -6.16
CA TYR A 93 -27.61 9.56 -6.37
C TYR A 93 -27.67 10.75 -5.42
N SER A 94 -26.91 11.79 -5.71
CA SER A 94 -27.05 13.09 -5.06
C SER A 94 -26.65 14.22 -6.03
N ILE A 95 -27.28 14.24 -7.20
CA ILE A 95 -27.03 15.29 -8.20
C ILE A 95 -27.94 16.50 -7.94
N ASP A 96 -27.41 17.68 -8.25
CA ASP A 96 -28.09 18.94 -7.97
C ASP A 96 -29.02 19.44 -9.08
N TYR A 97 -29.02 18.78 -10.23
CA TYR A 97 -29.93 19.16 -11.31
C TYR A 97 -29.94 18.16 -12.46
N PHE A 98 -31.12 17.98 -13.04
CA PHE A 98 -31.33 17.16 -14.22
C PHE A 98 -31.74 18.09 -15.38
N ILE A 99 -30.83 18.30 -16.32
CA ILE A 99 -31.04 19.29 -17.40
C ILE A 99 -31.64 18.61 -18.64
N ARG A 100 -32.39 19.39 -19.43
CA ARG A 100 -32.97 18.91 -20.68
C ARG A 100 -32.80 19.98 -21.75
N THR A 101 -32.28 19.60 -22.91
CA THR A 101 -32.05 20.57 -23.98
C THR A 101 -33.35 21.11 -24.62
N THR A 102 -34.49 20.46 -24.38
CA THR A 102 -35.79 21.02 -24.75
C THR A 102 -36.19 22.23 -23.88
N ASN A 103 -35.61 22.34 -22.69
CA ASN A 103 -35.87 23.46 -21.78
C ASN A 103 -35.58 24.85 -22.38
N GLU A 104 -36.50 25.78 -22.14
CA GLU A 104 -36.49 27.10 -22.78
C GLU A 104 -35.27 27.92 -22.39
N GLN A 105 -34.90 27.89 -21.12
CA GLN A 105 -33.79 28.71 -20.63
C GLN A 105 -32.49 28.25 -21.29
N HIS A 106 -32.35 26.94 -21.45
CA HIS A 106 -31.22 26.39 -22.20
C HIS A 106 -31.15 26.98 -23.59
N LYS A 107 -32.27 26.94 -24.33
CA LYS A 107 -32.31 27.45 -25.70
C LYS A 107 -31.78 28.89 -25.77
N ALA A 108 -32.13 29.67 -24.75
CA ALA A 108 -31.70 31.06 -24.68
C ALA A 108 -30.18 31.13 -24.68
N VAL A 109 -29.56 30.26 -23.90
CA VAL A 109 -28.11 30.25 -23.74
C VAL A 109 -27.42 29.79 -25.04
N VAL A 110 -27.96 28.76 -25.67
CA VAL A 110 -27.41 28.26 -26.93
C VAL A 110 -27.37 29.38 -27.97
N LYS A 111 -28.48 30.11 -28.07
CA LYS A 111 -28.61 31.26 -28.96
C LYS A 111 -27.64 32.37 -28.58
N GLU A 112 -27.43 32.56 -27.28
CA GLU A 112 -26.49 33.55 -26.77
C GLU A 112 -25.07 33.13 -27.17
N LEU A 113 -24.73 31.87 -26.94
CA LEU A 113 -23.42 31.35 -27.29
C LEU A 113 -23.23 31.48 -28.79
N TRP A 114 -24.23 31.03 -29.57
CA TRP A 114 -24.15 31.13 -31.03
C TRP A 114 -23.76 32.51 -31.43
N THR A 115 -24.54 33.48 -30.96
CA THR A 115 -24.31 34.88 -31.28
C THR A 115 -22.88 35.25 -30.91
N LYS A 116 -22.48 34.94 -29.68
CA LYS A 116 -21.11 35.22 -29.22
C LYS A 116 -20.09 34.78 -30.26
N LEU A 117 -20.23 33.55 -30.75
CA LEU A 117 -19.27 32.98 -31.70
C LEU A 117 -19.28 33.77 -33.01
N GLU A 118 -20.47 33.95 -33.58
CA GLU A 118 -20.65 34.80 -34.74
C GLU A 118 -19.91 36.13 -34.54
N GLN A 119 -20.16 36.80 -33.42
CA GLN A 119 -19.63 38.15 -33.18
C GLN A 119 -18.14 38.23 -33.47
N LYS A 120 -17.38 37.29 -32.95
CA LYS A 120 -15.91 37.28 -33.12
C LYS A 120 -15.47 36.66 -34.46
N GLY A 121 -16.36 36.63 -35.44
CA GLY A 121 -16.01 36.25 -36.82
C GLY A 121 -15.63 34.81 -37.05
N ASP A 122 -15.96 33.93 -36.11
CA ASP A 122 -15.56 32.53 -36.17
C ASP A 122 -16.68 31.61 -36.65
N ILE A 123 -17.77 32.18 -37.18
CA ILE A 123 -18.75 31.39 -37.92
C ILE A 123 -19.04 32.02 -39.27
N TYR A 124 -19.12 31.18 -40.30
CA TYR A 124 -19.39 31.62 -41.66
C TYR A 124 -20.23 30.60 -42.41
N LEU A 125 -20.85 31.03 -43.50
CA LEU A 125 -21.70 30.15 -44.30
C LEU A 125 -20.82 29.42 -45.29
N GLY A 126 -20.80 28.09 -45.17
CA GLY A 126 -20.00 27.25 -46.05
C GLY A 126 -20.78 26.04 -46.53
N ARG A 127 -20.03 25.00 -46.88
CA ARG A 127 -20.61 23.71 -47.27
C ARG A 127 -20.03 22.62 -46.41
N TYR A 128 -20.78 21.54 -46.22
CA TYR A 128 -20.17 20.29 -45.81
C TYR A 128 -20.59 19.20 -46.77
N GLU A 129 -19.60 18.63 -47.46
CA GLU A 129 -19.80 17.53 -48.39
C GLU A 129 -18.95 16.36 -47.93
N GLY A 130 -19.58 15.42 -47.21
CA GLY A 130 -18.84 14.33 -46.60
C GLY A 130 -19.73 13.36 -45.84
N TRP A 131 -19.12 12.48 -45.05
CA TRP A 131 -19.84 11.44 -44.32
C TRP A 131 -20.42 11.90 -42.98
N TYR A 132 -21.32 11.09 -42.43
CA TYR A 132 -22.01 11.40 -41.18
C TYR A 132 -22.71 10.16 -40.62
N SER A 133 -22.61 9.99 -39.31
CA SER A 133 -23.32 8.93 -38.62
C SER A 133 -24.46 9.57 -37.86
N ILE A 134 -25.69 9.28 -38.26
CA ILE A 134 -26.85 9.80 -37.55
C ILE A 134 -26.83 9.25 -36.13
N SER A 135 -26.58 7.95 -35.98
CA SER A 135 -26.58 7.32 -34.66
C SER A 135 -25.61 7.98 -33.66
N ASP A 136 -24.52 8.54 -34.16
CA ASP A 136 -23.55 9.23 -33.30
C ASP A 136 -23.61 10.73 -33.46
N GLU A 137 -24.43 11.22 -34.39
CA GLU A 137 -24.44 12.64 -34.76
C GLU A 137 -23.01 13.19 -34.92
N SER A 138 -22.18 12.42 -35.63
CA SER A 138 -20.76 12.71 -35.77
C SER A 138 -20.35 12.83 -37.24
N PHE A 139 -19.60 13.88 -37.58
CA PHE A 139 -18.95 13.96 -38.88
C PHE A 139 -17.72 13.06 -38.88
N LEU A 140 -17.53 12.32 -39.97
CA LEU A 140 -16.40 11.42 -40.13
C LEU A 140 -15.74 11.66 -41.47
N THR A 141 -14.44 11.42 -41.55
CA THR A 141 -13.72 11.48 -42.81
C THR A 141 -13.72 10.08 -43.43
N PRO A 142 -13.35 9.96 -44.73
CA PRO A 142 -13.43 8.65 -45.39
C PRO A 142 -12.60 7.58 -44.68
N GLN A 143 -11.50 8.01 -44.07
CA GLN A 143 -10.59 7.12 -43.35
C GLN A 143 -11.29 6.51 -42.13
N ASN A 144 -12.27 7.23 -41.58
CA ASN A 144 -13.01 6.75 -40.41
C ASN A 144 -14.26 5.94 -40.74
N ILE A 145 -14.48 5.65 -42.03
CA ILE A 145 -15.54 4.73 -42.42
C ILE A 145 -14.99 3.56 -43.26
N THR A 146 -15.76 2.48 -43.24
CA THR A 146 -15.39 1.26 -43.95
C THR A 146 -16.65 0.58 -44.50
N ASP A 147 -16.47 -0.49 -45.25
CA ASP A 147 -17.60 -1.26 -45.77
C ASP A 147 -18.22 -2.10 -44.64
N GLY A 148 -19.51 -2.39 -44.74
CA GLY A 148 -20.25 -3.12 -43.70
C GLY A 148 -21.71 -3.32 -44.08
N VAL A 149 -22.45 -4.05 -43.25
CA VAL A 149 -23.83 -4.43 -43.60
C VAL A 149 -24.90 -3.52 -43.02
N ASP A 150 -25.78 -3.05 -43.90
CA ASP A 150 -27.03 -2.38 -43.55
C ASP A 150 -27.96 -3.35 -42.83
N LYS A 151 -28.86 -2.82 -42.00
CA LYS A 151 -29.97 -3.62 -41.47
C LYS A 151 -30.94 -3.81 -42.64
N ASP A 152 -31.41 -5.05 -42.83
CA ASP A 152 -32.02 -5.45 -44.10
C ASP A 152 -30.93 -5.90 -45.09
N GLY A 153 -29.71 -6.12 -44.59
CA GLY A 153 -28.65 -6.84 -45.33
C GLY A 153 -27.95 -6.14 -46.49
N ASN A 154 -28.38 -4.93 -46.82
CA ASN A 154 -27.80 -4.20 -47.95
C ASN A 154 -26.31 -3.86 -47.72
N PRO A 155 -25.52 -3.78 -48.79
CA PRO A 155 -24.20 -3.15 -48.68
C PRO A 155 -24.33 -1.68 -48.32
N CYS A 156 -23.54 -1.24 -47.34
CA CYS A 156 -23.56 0.16 -46.90
C CYS A 156 -22.18 0.54 -46.36
N LYS A 157 -22.08 1.76 -45.84
CA LYS A 157 -20.86 2.20 -45.19
C LYS A 157 -21.09 2.37 -43.71
N VAL A 158 -20.21 1.80 -42.90
CA VAL A 158 -20.30 1.89 -41.45
C VAL A 158 -19.12 2.66 -40.88
N SER A 159 -19.32 3.23 -39.70
CA SER A 159 -18.29 3.99 -39.00
C SER A 159 -17.28 3.00 -38.45
N LEU A 160 -16.01 3.35 -38.53
CA LEU A 160 -14.98 2.53 -37.89
C LEU A 160 -15.03 2.71 -36.38
N GLU A 161 -15.33 3.91 -35.91
CA GLU A 161 -15.51 4.17 -34.48
C GLU A 161 -16.73 3.39 -33.96
N SER A 162 -17.90 3.71 -34.49
CA SER A 162 -19.18 3.23 -33.95
C SER A 162 -19.64 1.88 -34.49
N GLY A 163 -19.49 1.66 -35.79
CA GLY A 163 -20.07 0.49 -36.46
C GLY A 163 -21.43 0.77 -37.08
N HIS A 164 -21.97 1.96 -36.84
CA HIS A 164 -23.32 2.33 -37.31
C HIS A 164 -23.27 2.86 -38.71
N VAL A 165 -24.42 2.93 -39.36
CA VAL A 165 -24.48 3.32 -40.77
C VAL A 165 -24.14 4.80 -40.96
N VAL A 166 -23.38 5.08 -42.01
CA VAL A 166 -23.00 6.46 -42.30
C VAL A 166 -23.54 6.89 -43.66
N THR A 167 -24.30 7.98 -43.68
CA THR A 167 -24.85 8.50 -44.91
C THR A 167 -24.06 9.72 -45.38
N TRP A 168 -24.09 9.97 -46.69
CA TRP A 168 -23.41 11.11 -47.27
C TRP A 168 -24.27 12.33 -47.08
N VAL A 169 -23.61 13.47 -46.89
CA VAL A 169 -24.29 14.73 -46.64
C VAL A 169 -23.63 15.80 -47.48
N SER A 170 -24.45 16.56 -48.19
CA SER A 170 -23.99 17.67 -49.04
C SER A 170 -24.86 18.89 -48.84
N GLU A 171 -24.63 19.61 -47.75
CA GLU A 171 -25.50 20.73 -47.36
C GLU A 171 -24.74 22.03 -47.22
N GLU A 172 -25.42 23.12 -47.54
CA GLU A 172 -24.95 24.45 -47.21
C GLU A 172 -25.20 24.54 -45.72
N ASN A 173 -24.12 24.55 -44.93
CA ASN A 173 -24.21 24.64 -43.47
C ASN A 173 -23.45 25.87 -42.98
N TYR A 174 -23.72 26.26 -41.75
CA TYR A 174 -22.87 27.26 -41.08
C TYR A 174 -21.65 26.52 -40.53
N MET A 175 -20.48 27.15 -40.69
CA MET A 175 -19.19 26.53 -40.35
C MET A 175 -18.48 27.31 -39.24
N PHE A 176 -18.14 26.62 -38.16
CA PHE A 176 -17.29 27.20 -37.12
C PHE A 176 -15.82 26.97 -37.50
N ARG A 177 -14.96 27.97 -37.25
CA ARG A 177 -13.58 27.95 -37.75
C ARG A 177 -12.63 27.16 -36.87
N LEU A 178 -12.90 25.88 -36.68
CA LEU A 178 -12.10 25.03 -35.76
C LEU A 178 -10.61 25.03 -36.08
N SER A 179 -10.27 25.07 -37.36
CA SER A 179 -8.87 25.06 -37.82
C SER A 179 -8.05 26.24 -37.27
N ALA A 180 -8.72 27.36 -37.03
CA ALA A 180 -8.05 28.51 -36.41
C ALA A 180 -7.51 28.19 -35.03
N PHE A 181 -8.12 27.20 -34.35
CA PHE A 181 -7.85 26.95 -32.93
C PHE A 181 -6.91 25.78 -32.60
N ARG A 182 -6.23 25.20 -33.58
CA ARG A 182 -5.41 24.02 -33.31
C ARG A 182 -4.15 24.33 -32.52
N GLU A 183 -3.51 25.46 -32.83
CA GLU A 183 -2.28 25.82 -32.14
C GLU A 183 -2.55 26.15 -30.68
N ARG A 184 -3.67 26.82 -30.43
CA ARG A 184 -4.04 27.20 -29.07
C ARG A 184 -4.51 26.01 -28.28
N LEU A 185 -5.30 25.14 -28.91
CA LEU A 185 -5.66 23.85 -28.32
C LEU A 185 -4.39 23.10 -27.91
N LEU A 186 -3.42 23.02 -28.83
CA LEU A 186 -2.16 22.36 -28.53
C LEU A 186 -1.42 22.98 -27.35
N GLU A 187 -1.49 24.29 -27.17
CA GLU A 187 -0.92 24.93 -25.99
C GLU A 187 -1.66 24.50 -24.73
N TRP A 188 -3.00 24.47 -24.79
CA TRP A 188 -3.83 24.08 -23.65
C TRP A 188 -3.55 22.67 -23.19
N TYR A 189 -3.32 21.76 -24.13
CA TYR A 189 -3.01 20.37 -23.79
C TYR A 189 -1.66 20.25 -23.08
N HIS A 190 -0.73 21.13 -23.45
CA HIS A 190 0.65 21.13 -22.94
C HIS A 190 0.80 21.96 -21.71
N ALA A 191 0.12 23.10 -21.69
CA ALA A 191 0.11 23.96 -20.52
C ALA A 191 -0.50 23.21 -19.34
N ASN A 192 -1.48 22.34 -19.60
CA ASN A 192 -2.17 21.60 -18.55
C ASN A 192 -2.06 20.09 -18.77
N PRO A 193 -0.87 19.51 -18.49
CA PRO A 193 -0.61 18.10 -18.79
C PRO A 193 -1.45 17.04 -18.07
N GLY A 194 -2.45 17.45 -17.29
CA GLY A 194 -3.33 16.51 -16.62
C GLY A 194 -4.81 16.77 -16.84
N CYS A 195 -5.11 17.53 -17.91
CA CYS A 195 -6.47 17.97 -18.21
C CYS A 195 -7.31 16.90 -18.92
N ILE A 196 -6.66 15.89 -19.49
CA ILE A 196 -7.37 14.74 -20.03
C ILE A 196 -6.89 13.44 -19.35
N VAL A 197 -7.82 12.70 -18.76
CA VAL A 197 -7.49 11.46 -18.05
C VAL A 197 -8.35 10.36 -18.66
N PRO A 198 -7.85 9.11 -18.73
CA PRO A 198 -6.50 8.61 -18.44
C PRO A 198 -5.49 9.20 -19.41
N GLU A 199 -4.22 9.13 -19.03
CA GLU A 199 -3.18 9.80 -19.79
C GLU A 199 -3.23 9.45 -21.27
N PHE A 200 -3.25 8.16 -21.61
CA PHE A 200 -3.16 7.77 -23.03
C PHE A 200 -4.25 8.41 -23.89
N ARG A 201 -5.43 8.61 -23.30
CA ARG A 201 -6.53 9.25 -24.02
C ARG A 201 -6.18 10.71 -24.30
N ARG A 202 -5.35 11.31 -23.47
CA ARG A 202 -4.80 12.64 -23.75
C ARG A 202 -3.97 12.57 -25.01
N ARG A 203 -2.98 11.69 -25.02
CA ARG A 203 -2.10 11.53 -26.17
C ARG A 203 -2.87 11.38 -27.48
N GLU A 204 -3.92 10.57 -27.47
CA GLU A 204 -4.79 10.42 -28.64
C GLU A 204 -5.26 11.77 -29.15
N VAL A 205 -5.78 12.59 -28.23
CA VAL A 205 -6.32 13.89 -28.60
C VAL A 205 -5.25 14.72 -29.28
N ILE A 206 -4.03 14.65 -28.76
CA ILE A 206 -2.94 15.47 -29.24
C ILE A 206 -2.46 15.01 -30.61
N ARG A 207 -2.37 13.69 -30.82
CA ARG A 207 -2.07 13.16 -32.15
C ARG A 207 -3.09 13.69 -33.15
N ALA A 208 -4.38 13.52 -32.84
CA ALA A 208 -5.47 13.99 -33.70
C ALA A 208 -5.30 15.47 -34.07
N VAL A 209 -5.15 16.33 -33.08
CA VAL A 209 -4.94 17.76 -33.31
C VAL A 209 -3.59 18.02 -33.99
N GLU A 210 -2.57 17.22 -33.69
CA GLU A 210 -1.25 17.40 -34.32
C GLU A 210 -1.37 17.33 -35.85
N LYS A 211 -2.19 16.41 -36.38
CA LYS A 211 -2.30 16.22 -37.83
C LYS A 211 -2.93 17.44 -38.48
N GLY A 212 -4.15 17.75 -38.07
CA GLY A 212 -4.87 18.92 -38.57
C GLY A 212 -6.34 18.86 -38.22
N LEU A 213 -6.95 20.04 -38.13
CA LEU A 213 -8.38 20.17 -37.88
C LEU A 213 -9.07 20.88 -39.04
N PRO A 214 -10.18 20.32 -39.52
CA PRO A 214 -10.99 21.02 -40.49
C PRO A 214 -11.96 21.92 -39.77
N ASP A 215 -12.59 22.84 -40.49
CA ASP A 215 -13.63 23.65 -39.88
C ASP A 215 -14.84 22.74 -39.70
N LEU A 216 -15.68 23.07 -38.73
CA LEU A 216 -16.77 22.19 -38.30
C LEU A 216 -18.11 22.75 -38.71
N SER A 217 -19.02 21.86 -39.13
CA SER A 217 -20.37 22.26 -39.46
C SER A 217 -21.22 22.35 -38.19
N VAL A 218 -21.60 23.57 -37.84
CA VAL A 218 -22.37 23.85 -36.62
C VAL A 218 -23.85 24.18 -36.89
N SER A 219 -24.27 24.12 -38.15
CA SER A 219 -25.71 24.15 -38.52
C SER A 219 -26.10 23.09 -39.56
N ARG A 220 -27.40 22.86 -39.72
CA ARG A 220 -27.92 21.83 -40.61
C ARG A 220 -29.22 22.29 -41.26
N ALA A 221 -29.51 21.75 -42.44
CA ALA A 221 -30.74 22.06 -43.15
C ALA A 221 -31.94 21.61 -42.31
N ARG A 222 -32.76 22.60 -41.94
CA ARG A 222 -33.98 22.39 -41.18
C ARG A 222 -34.65 21.07 -41.53
N ALA A 223 -34.85 20.86 -42.83
CA ALA A 223 -35.55 19.68 -43.35
C ALA A 223 -34.95 18.40 -42.81
N THR A 224 -33.62 18.31 -42.92
CA THR A 224 -32.90 17.10 -42.56
C THR A 224 -33.26 16.64 -41.15
N LEU A 225 -33.30 17.60 -40.21
CA LEU A 225 -33.55 17.30 -38.79
C LEU A 225 -35.02 17.17 -38.41
N HIS A 226 -35.93 17.29 -39.38
CA HIS A 226 -37.36 17.24 -39.11
C HIS A 226 -37.76 18.36 -38.18
N ASN A 227 -37.15 19.53 -38.39
CA ASN A 227 -37.45 20.76 -37.64
C ASN A 227 -37.35 20.60 -36.13
N TRP A 228 -36.55 19.65 -35.68
CA TRP A 228 -36.49 19.27 -34.27
C TRP A 228 -35.16 19.60 -33.68
N ALA A 229 -34.80 20.89 -33.79
CA ALA A 229 -33.59 21.43 -33.18
C ALA A 229 -33.70 22.96 -32.98
N ILE A 230 -32.78 23.51 -32.19
CA ILE A 230 -32.78 24.94 -31.91
C ILE A 230 -32.44 25.75 -33.17
N PRO A 231 -33.32 26.68 -33.57
CA PRO A 231 -33.04 27.52 -34.73
C PRO A 231 -31.74 28.33 -34.63
N VAL A 232 -31.11 28.55 -35.77
CA VAL A 232 -29.98 29.44 -35.85
C VAL A 232 -30.53 30.86 -35.78
N PRO A 233 -29.92 31.72 -34.96
CA PRO A 233 -30.27 33.13 -34.95
C PRO A 233 -30.15 33.80 -36.32
N GLY A 234 -31.10 34.66 -36.63
CA GLY A 234 -31.10 35.40 -37.89
C GLY A 234 -31.36 34.59 -39.14
N ASN A 235 -31.67 33.30 -39.00
CA ASN A 235 -31.80 32.40 -40.16
C ASN A 235 -32.60 31.13 -39.84
N PRO A 236 -33.93 31.22 -39.86
CA PRO A 236 -34.84 30.10 -39.55
C PRO A 236 -34.63 28.86 -40.40
N ASP A 237 -34.01 29.01 -41.56
CA ASP A 237 -33.72 27.89 -42.44
C ASP A 237 -32.76 26.83 -41.86
N HIS A 238 -32.03 27.21 -40.81
CA HIS A 238 -31.08 26.33 -40.16
C HIS A 238 -31.44 26.01 -38.74
N CAS A 239 -30.87 24.92 -38.22
CA CAS A 239 -30.94 24.63 -36.78
CB CAS A 239 -31.88 23.48 -36.40
C CAS A 239 -29.55 24.31 -36.30
O CAS A 239 -28.77 23.70 -37.01
SG CAS A 239 -33.19 23.26 -37.56
AS CAS A 239 -34.88 24.35 -36.65
CE1 CAS A 239 -36.23 23.46 -35.50
CE2 CAS A 239 -35.10 26.29 -37.04
N VAL A 240 -29.27 24.72 -35.06
CA VAL A 240 -27.93 24.59 -34.47
C VAL A 240 -27.55 23.13 -34.26
N TYR A 241 -26.39 22.76 -34.79
CA TYR A 241 -25.84 21.40 -34.68
C TYR A 241 -26.06 20.85 -33.27
N VAL A 242 -26.60 19.64 -33.19
CA VAL A 242 -27.01 19.05 -31.92
C VAL A 242 -25.94 19.14 -30.85
N TRP A 243 -24.68 19.06 -31.25
CA TRP A 243 -23.56 19.04 -30.30
C TRP A 243 -23.23 20.40 -29.75
N LEU A 244 -23.31 21.45 -30.56
CA LEU A 244 -23.15 22.82 -30.02
C LEU A 244 -24.29 23.13 -29.06
N ASP A 245 -25.49 22.65 -29.41
CA ASP A 245 -26.64 22.66 -28.50
C ASP A 245 -26.34 21.82 -27.25
N ALA A 246 -25.96 20.55 -27.45
CA ALA A 246 -25.77 19.62 -26.33
C ALA A 246 -24.65 20.00 -25.37
N LEU A 247 -23.53 20.49 -25.93
CA LEU A 247 -22.37 20.88 -25.12
C LEU A 247 -22.69 22.08 -24.24
N THR A 248 -23.57 22.94 -24.72
CA THR A 248 -23.92 24.16 -23.99
C THR A 248 -24.68 23.85 -22.69
N ASN A 249 -25.17 22.63 -22.53
CA ASN A 249 -25.87 22.22 -21.30
C ASN A 249 -25.05 22.44 -20.04
N TYR A 250 -23.73 22.35 -20.20
CA TYR A 250 -22.80 22.58 -19.11
C TYR A 250 -22.83 24.04 -18.71
N LEU A 251 -22.90 24.92 -19.70
CA LEU A 251 -22.97 26.37 -19.48
C LEU A 251 -24.34 26.77 -18.94
N THR A 252 -25.39 26.06 -19.35
CA THR A 252 -26.75 26.35 -18.87
C THR A 252 -26.92 25.98 -17.39
N GLY A 253 -26.49 24.77 -17.02
CA GLY A 253 -26.53 24.31 -15.62
C GLY A 253 -25.72 25.20 -14.68
N SER A 254 -24.66 25.81 -15.23
CA SER A 254 -23.84 26.74 -14.48
C SER A 254 -24.52 28.09 -14.27
N ARG A 255 -25.65 28.30 -14.96
CA ARG A 255 -26.39 29.56 -14.89
C ARG A 255 -27.83 29.43 -14.41
N LEU A 256 -28.32 28.20 -14.25
CA LEU A 256 -29.63 27.98 -13.65
C LEU A 256 -29.53 28.10 -12.13
N ARG A 257 -30.56 28.67 -11.53
CA ARG A 257 -30.70 28.69 -10.08
C ARG A 257 -31.84 27.74 -9.71
N VAL A 258 -31.58 26.82 -8.80
CA VAL A 258 -32.52 25.71 -8.53
C VAL A 258 -33.15 25.77 -7.15
N ASP A 259 -34.43 25.42 -7.05
CA ASP A 259 -35.14 25.40 -5.76
C ASP A 259 -35.04 24.03 -5.06
N GLU A 260 -35.67 23.91 -3.88
CA GLU A 260 -35.58 22.71 -3.02
C GLU A 260 -36.15 21.44 -3.66
N SER A 261 -37.08 21.58 -4.61
CA SER A 261 -37.66 20.43 -5.31
C SER A 261 -36.87 20.00 -6.55
N GLY A 262 -35.75 20.67 -6.84
CA GLY A 262 -34.90 20.29 -7.95
C GLY A 262 -35.28 20.90 -9.29
N LYS A 263 -36.40 21.64 -9.33
CA LYS A 263 -36.79 22.39 -10.53
C LYS A 263 -36.03 23.72 -10.61
N GLU A 264 -35.74 24.18 -11.82
CA GLU A 264 -35.13 25.50 -12.04
C GLU A 264 -36.07 26.60 -11.59
N VAL A 265 -35.52 27.79 -11.39
CA VAL A 265 -36.37 28.98 -11.24
C VAL A 265 -35.87 30.14 -12.09
N SER A 266 -34.59 30.18 -12.41
CA SER A 266 -34.03 31.38 -13.04
C SER A 266 -32.75 31.09 -13.79
N LEU A 267 -32.47 31.94 -14.77
CA LEU A 267 -31.28 31.84 -15.59
C LEU A 267 -30.49 33.12 -15.49
N VAL A 268 -29.49 33.15 -14.61
CA VAL A 268 -28.65 34.34 -14.45
C VAL A 268 -28.06 34.79 -15.78
N ASP A 269 -27.87 36.10 -15.91
CA ASP A 269 -27.29 36.66 -17.12
C ASP A 269 -25.82 36.28 -17.26
N ASP A 270 -25.12 36.21 -16.12
CA ASP A 270 -23.67 35.99 -16.11
C ASP A 270 -23.29 34.72 -15.31
N PHE A 271 -22.27 34.00 -15.78
CA PHE A 271 -21.89 32.72 -15.15
C PHE A 271 -21.20 32.90 -13.80
N ASN A 272 -20.63 34.08 -13.58
CA ASN A 272 -19.91 34.36 -12.34
C ASN A 272 -20.83 34.40 -11.13
N GLU A 273 -22.09 34.72 -11.37
CA GLU A 273 -23.04 34.89 -10.29
C GLU A 273 -23.27 33.62 -9.49
N LEU A 274 -23.05 32.46 -10.08
CA LEU A 274 -23.23 31.19 -9.37
C LEU A 274 -21.91 30.46 -9.08
N GLU A 275 -20.80 31.02 -9.60
CA GLU A 275 -19.44 30.52 -9.33
C GLU A 275 -19.31 29.00 -9.57
N ARG A 276 -19.81 28.55 -10.72
CA ARG A 276 -19.79 27.14 -11.08
C ARG A 276 -18.90 26.91 -12.28
N PHE A 277 -19.19 27.64 -13.35
CA PHE A 277 -18.40 27.55 -14.57
C PHE A 277 -17.02 28.15 -14.31
N PRO A 278 -15.96 27.57 -14.93
CA PRO A 278 -15.93 26.36 -15.79
C PRO A 278 -15.94 25.05 -15.02
N ALA A 279 -16.43 23.99 -15.65
CA ALA A 279 -16.46 22.67 -15.03
C ALA A 279 -15.11 22.29 -14.46
N ASP A 280 -15.12 21.67 -13.29
CA ASP A 280 -13.90 21.17 -12.68
C ASP A 280 -13.57 19.80 -13.26
N VAL A 281 -14.61 18.99 -13.47
CA VAL A 281 -14.45 17.65 -14.02
C VAL A 281 -15.63 17.34 -14.94
N HIS A 282 -15.37 17.09 -16.22
CA HIS A 282 -16.38 16.61 -17.18
C HIS A 282 -16.23 15.12 -17.36
N VAL A 283 -16.96 14.32 -16.58
CA VAL A 283 -16.98 12.86 -16.77
C VAL A 283 -17.62 12.58 -18.11
N ILE A 284 -16.98 11.75 -18.94
CA ILE A 284 -17.56 11.29 -20.24
C ILE A 284 -17.13 9.87 -20.62
N GLY A 285 -17.71 9.36 -21.71
CA GLY A 285 -17.26 8.11 -22.30
C GLY A 285 -16.28 8.34 -23.43
N LYS A 286 -15.35 7.39 -23.62
CA LYS A 286 -14.30 7.50 -24.64
C LYS A 286 -14.86 7.85 -25.99
N ASP A 287 -16.06 7.33 -26.25
CA ASP A 287 -16.82 7.53 -27.49
C ASP A 287 -17.13 8.99 -27.86
N ILE A 288 -17.15 9.89 -26.87
CA ILE A 288 -17.48 11.27 -27.14
C ILE A 288 -16.34 12.24 -26.80
N LEU A 289 -15.14 11.69 -26.66
CA LEU A 289 -13.97 12.49 -26.31
C LEU A 289 -13.74 13.67 -27.26
N LYS A 290 -13.85 13.43 -28.57
CA LYS A 290 -13.45 14.45 -29.54
C LYS A 290 -14.25 15.74 -29.38
N PHE A 291 -15.52 15.62 -28.99
CA PHE A 291 -16.40 16.78 -28.85
C PHE A 291 -16.04 17.58 -27.60
N HIS A 292 -15.71 16.86 -26.53
CA HIS A 292 -15.40 17.46 -25.25
C HIS A 292 -14.00 17.99 -25.19
N ALA A 293 -13.07 17.33 -25.87
CA ALA A 293 -11.65 17.66 -25.78
C ALA A 293 -11.11 18.47 -26.97
N ILE A 294 -11.89 18.60 -28.04
CA ILE A 294 -11.47 19.38 -29.21
C ILE A 294 -12.49 20.46 -29.54
N TYR A 295 -13.75 20.07 -29.74
CA TYR A 295 -14.79 21.03 -30.07
C TYR A 295 -15.07 21.96 -28.90
N TRP A 296 -15.58 21.39 -27.82
CA TRP A 296 -15.98 22.14 -26.62
C TRP A 296 -15.00 23.23 -26.23
N PRO A 297 -13.71 22.88 -26.07
CA PRO A 297 -12.76 23.91 -25.69
C PRO A 297 -12.55 24.97 -26.77
N ALA A 298 -12.68 24.58 -28.03
CA ALA A 298 -12.49 25.49 -29.16
C ALA A 298 -13.60 26.53 -29.17
N PHE A 299 -14.84 26.08 -29.01
CA PHE A 299 -15.97 26.98 -28.89
C PHE A 299 -15.71 28.00 -27.79
N LEU A 300 -15.37 27.49 -26.61
CA LEU A 300 -15.18 28.31 -25.42
C LEU A 300 -14.14 29.40 -25.66
N LEU A 301 -13.01 29.05 -26.27
CA LEU A 301 -11.93 30.01 -26.56
C LEU A 301 -12.44 31.13 -27.47
N SER A 302 -13.12 30.72 -28.53
CA SER A 302 -13.72 31.65 -29.47
C SER A 302 -14.53 32.68 -28.70
N ALA A 303 -15.39 32.18 -27.81
CA ALA A 303 -16.38 33.02 -27.12
C ALA A 303 -15.83 33.82 -25.94
N GLY A 304 -14.53 33.72 -25.68
CA GLY A 304 -13.91 34.41 -24.55
C GLY A 304 -14.25 33.83 -23.20
N LEU A 305 -14.73 32.59 -23.17
CA LEU A 305 -15.09 31.89 -21.93
C LEU A 305 -13.89 31.12 -21.38
N PRO A 306 -13.96 30.73 -20.09
CA PRO A 306 -12.96 29.84 -19.50
C PRO A 306 -13.07 28.41 -20.00
N LEU A 307 -11.99 27.65 -19.86
CA LEU A 307 -11.95 26.25 -20.26
C LEU A 307 -12.05 25.39 -19.02
N PRO A 308 -12.58 24.17 -19.17
CA PRO A 308 -12.66 23.23 -18.08
C PRO A 308 -11.31 22.83 -17.53
N LYS A 309 -11.33 22.26 -16.33
CA LYS A 309 -10.10 21.86 -15.66
C LYS A 309 -9.69 20.46 -16.06
N LYS A 310 -10.66 19.55 -16.08
CA LYS A 310 -10.39 18.13 -16.28
C LYS A 310 -11.49 17.38 -17.03
N ILE A 311 -11.09 16.51 -17.95
CA ILE A 311 -12.02 15.66 -18.70
C ILE A 311 -11.64 14.21 -18.47
N VAL A 312 -12.51 13.46 -17.79
CA VAL A 312 -12.27 12.05 -17.52
C VAL A 312 -13.04 11.23 -18.54
N ALA A 313 -12.34 10.65 -19.50
CA ALA A 313 -12.97 9.81 -20.51
C ALA A 313 -12.78 8.33 -20.18
N HIS A 314 -13.87 7.63 -19.85
CA HIS A 314 -13.78 6.23 -19.36
C HIS A 314 -14.12 5.18 -20.38
N GLY A 315 -13.96 3.92 -19.97
CA GLY A 315 -14.20 2.76 -20.84
C GLY A 315 -15.63 2.25 -20.91
N TRP A 316 -15.84 1.29 -21.80
CA TRP A 316 -17.17 0.78 -22.09
C TRP A 316 -17.45 -0.56 -21.45
N TRP A 317 -18.54 -0.62 -20.70
CA TRP A 317 -18.97 -1.86 -20.07
C TRP A 317 -19.50 -2.83 -21.07
N THR A 318 -19.26 -4.10 -20.78
CA THR A 318 -19.89 -5.19 -21.50
C THR A 318 -20.39 -6.21 -20.47
N LYS A 319 -21.29 -7.10 -20.86
CA LYS A 319 -21.76 -8.15 -19.97
C LYS A 319 -21.35 -9.51 -20.53
N ASP A 320 -20.69 -10.31 -19.69
CA ASP A 320 -20.22 -11.65 -20.07
C ASP A 320 -19.33 -11.61 -21.33
N ARG A 321 -18.59 -10.50 -21.48
CA ARG A 321 -17.70 -10.25 -22.62
C ARG A 321 -18.42 -9.95 -23.95
N LYS A 322 -19.72 -10.28 -24.05
CA LYS A 322 -20.54 -9.86 -25.17
C LYS A 322 -21.02 -8.42 -24.89
N LYS A 323 -21.19 -7.62 -25.95
CA LYS A 323 -21.55 -6.21 -25.80
C LYS A 323 -23.01 -6.01 -25.34
N ILE A 324 -23.28 -4.92 -24.62
CA ILE A 324 -24.61 -4.60 -24.06
C ILE A 324 -25.71 -4.75 -25.11
N SER A 325 -26.76 -5.53 -24.79
CA SER A 325 -27.70 -6.05 -25.80
C SER A 325 -28.69 -5.05 -26.42
N LYS A 326 -28.51 -4.76 -27.71
CA LYS A 326 -29.59 -4.28 -28.55
C LYS A 326 -30.46 -5.51 -28.79
N SER A 327 -29.82 -6.59 -29.23
CA SER A 327 -30.48 -7.90 -29.38
C SER A 327 -29.44 -9.01 -29.47
N ASN A 330 -27.74 -9.93 -23.49
CA ASN A 330 -27.25 -9.07 -22.41
C ASN A 330 -28.26 -7.99 -22.02
N VAL A 331 -29.42 -8.45 -21.56
CA VAL A 331 -30.43 -7.59 -20.95
C VAL A 331 -29.84 -7.09 -19.63
N PHE A 332 -29.73 -5.78 -19.46
CA PHE A 332 -29.12 -5.22 -18.26
C PHE A 332 -29.96 -4.08 -17.67
N ASP A 333 -30.78 -4.42 -16.69
CA ASP A 333 -31.47 -3.44 -15.85
C ASP A 333 -30.59 -3.19 -14.62
N PRO A 334 -30.06 -1.96 -14.47
CA PRO A 334 -29.26 -1.66 -13.28
C PRO A 334 -30.09 -1.67 -11.99
N VAL A 335 -31.30 -1.15 -12.06
CA VAL A 335 -32.17 -1.06 -10.88
C VAL A 335 -32.54 -2.44 -10.32
N GLU A 336 -32.55 -3.47 -11.17
CA GLU A 336 -32.81 -4.83 -10.68
C GLU A 336 -31.57 -5.45 -10.06
N LYS A 337 -30.41 -5.24 -10.69
CA LYS A 337 -29.15 -5.72 -10.13
C LYS A 337 -28.87 -5.00 -8.82
N ALA A 338 -29.44 -3.82 -8.66
CA ALA A 338 -29.39 -3.08 -7.40
C ALA A 338 -30.29 -3.73 -6.36
N GLU A 339 -31.51 -4.09 -6.76
CA GLU A 339 -32.45 -4.79 -5.88
C GLU A 339 -31.95 -6.21 -5.56
N GLU A 340 -31.20 -6.80 -6.47
CA GLU A 340 -30.65 -8.15 -6.30
C GLU A 340 -29.56 -8.20 -5.23
N PHE A 341 -28.48 -7.45 -5.46
CA PHE A 341 -27.27 -7.53 -4.64
C PHE A 341 -27.10 -6.39 -3.65
N GLY A 342 -27.74 -5.26 -3.92
CA GLY A 342 -27.65 -4.07 -3.07
C GLY A 342 -27.11 -2.88 -3.86
N TYR A 343 -27.61 -1.69 -3.53
CA TYR A 343 -27.30 -0.50 -4.32
C TYR A 343 -25.84 -0.04 -4.13
N ASP A 344 -25.41 0.08 -2.88
CA ASP A 344 -24.01 0.41 -2.61
C ASP A 344 -23.08 -0.70 -3.15
N ALA A 345 -23.51 -1.95 -3.00
CA ALA A 345 -22.73 -3.10 -3.46
C ALA A 345 -22.39 -3.02 -4.96
N LEU A 346 -23.38 -2.64 -5.77
CA LEU A 346 -23.20 -2.56 -7.22
C LEU A 346 -22.48 -1.28 -7.62
N LYS A 347 -22.74 -0.19 -6.90
CA LYS A 347 -21.97 1.03 -7.10
C LYS A 347 -20.48 0.73 -6.91
N TYR A 348 -20.20 0.03 -5.82
CA TYR A 348 -18.83 -0.38 -5.47
C TYR A 348 -18.21 -1.19 -6.60
N PHE A 349 -18.96 -2.17 -7.06
CA PHE A 349 -18.45 -3.09 -8.06
C PHE A 349 -18.09 -2.33 -9.33
N LEU A 350 -18.96 -1.41 -9.74
CA LEU A 350 -18.71 -0.65 -10.96
C LEU A 350 -17.46 0.20 -10.82
N LEU A 351 -17.21 0.67 -9.61
CA LEU A 351 -16.16 1.61 -9.39
C LEU A 351 -14.82 0.89 -9.18
N ARG A 352 -14.89 -0.32 -8.62
CA ARG A 352 -13.71 -1.16 -8.28
C ARG A 352 -13.23 -2.09 -9.42
N GLU A 353 -14.17 -2.66 -10.17
CA GLU A 353 -13.87 -3.79 -11.05
C GLU A 353 -12.96 -3.42 -12.21
N SER A 354 -12.93 -2.14 -12.53
CA SER A 354 -12.01 -1.66 -13.56
C SER A 354 -11.86 -0.18 -13.44
N GLY A 355 -10.69 0.28 -13.84
CA GLY A 355 -10.40 1.69 -13.87
C GLY A 355 -10.79 2.25 -15.21
N PHE A 356 -10.62 3.57 -15.32
CA PHE A 356 -11.01 4.34 -16.50
C PHE A 356 -10.25 3.97 -17.78
N SER A 357 -9.04 3.44 -17.63
CA SER A 357 -8.28 2.99 -18.80
C SER A 357 -8.89 1.76 -19.47
N ASP A 358 -9.69 0.99 -18.74
CA ASP A 358 -10.11 -0.36 -19.14
C ASP A 358 -11.58 -0.43 -19.56
N ASP A 359 -11.89 -1.38 -20.45
CA ASP A 359 -13.27 -1.66 -20.84
C ASP A 359 -13.84 -2.76 -19.95
N GLY A 360 -14.41 -2.34 -18.81
CA GLY A 360 -14.99 -3.26 -17.83
C GLY A 360 -15.91 -4.33 -18.41
N ASP A 361 -15.99 -5.45 -17.71
CA ASP A 361 -16.84 -6.55 -18.14
C ASP A 361 -17.67 -7.00 -16.96
N TYR A 362 -18.97 -6.69 -16.98
CA TYR A 362 -19.82 -7.06 -15.85
C TYR A 362 -20.14 -8.55 -15.92
N SER A 363 -20.04 -9.20 -14.76
CA SER A 363 -20.37 -10.61 -14.62
C SER A 363 -20.99 -10.78 -13.24
N ASP A 364 -22.17 -11.39 -13.16
CA ASP A 364 -22.81 -11.60 -11.87
C ASP A 364 -21.86 -12.28 -10.90
N LYS A 365 -21.25 -13.38 -11.32
CA LYS A 365 -20.37 -14.15 -10.44
C LYS A 365 -19.20 -13.31 -9.91
N ASN A 366 -18.64 -12.44 -10.75
CA ASN A 366 -17.53 -11.55 -10.34
C ASN A 366 -17.93 -10.63 -9.21
N MET A 367 -19.14 -10.08 -9.31
CA MET A 367 -19.67 -9.22 -8.26
C MET A 367 -19.98 -9.99 -6.96
N ILE A 368 -20.50 -11.20 -7.06
CA ILE A 368 -20.65 -12.08 -5.90
C ILE A 368 -19.30 -12.22 -5.19
N ALA A 369 -18.23 -12.43 -5.96
CA ALA A 369 -16.86 -12.48 -5.42
C ALA A 369 -16.51 -11.21 -4.62
N ARG A 370 -16.53 -10.06 -5.28
CA ARG A 370 -16.15 -8.77 -4.68
C ARG A 370 -17.06 -8.35 -3.52
N LEU A 371 -18.31 -8.79 -3.54
CA LEU A 371 -19.21 -8.62 -2.40
C LEU A 371 -18.72 -9.48 -1.25
N ASN A 372 -18.61 -10.78 -1.50
CA ASN A 372 -18.28 -11.78 -0.47
C ASN A 372 -16.87 -11.66 0.11
N GLY A 373 -15.96 -11.03 -0.64
CA GLY A 373 -14.54 -11.02 -0.30
C GLY A 373 -13.87 -9.66 -0.23
N GLU A 374 -14.66 -8.60 -0.18
CA GLU A 374 -14.14 -7.27 0.10
C GLU A 374 -15.12 -6.59 1.04
N LEU A 375 -16.34 -6.36 0.54
CA LEU A 375 -17.37 -5.65 1.31
C LEU A 375 -17.77 -6.47 2.53
N ALA A 376 -18.15 -7.73 2.33
CA ALA A 376 -18.54 -8.59 3.45
C ALA A 376 -17.35 -8.99 4.32
N ASP A 377 -16.36 -9.63 3.72
CA ASP A 377 -15.31 -10.30 4.50
C ASP A 377 -14.17 -9.42 4.98
N THR A 378 -13.86 -8.35 4.27
CA THR A 378 -12.86 -7.42 4.81
C THR A 378 -13.55 -6.33 5.60
N LEU A 379 -14.33 -5.47 4.93
CA LEU A 379 -14.93 -4.31 5.61
C LEU A 379 -15.99 -4.71 6.64
N GLY A 380 -17.05 -5.35 6.19
CA GLY A 380 -18.14 -5.81 7.06
C GLY A 380 -17.66 -6.60 8.26
N ASN A 381 -16.82 -7.59 7.98
CA ASN A 381 -16.22 -8.41 9.03
C ASN A 381 -15.54 -7.59 10.12
N LEU A 382 -14.67 -6.66 9.70
CA LEU A 382 -13.93 -5.81 10.63
C LEU A 382 -14.87 -5.12 11.60
N VAL A 383 -15.87 -4.42 11.04
CA VAL A 383 -16.90 -3.70 11.81
C VAL A 383 -17.65 -4.55 12.84
N MET A 384 -18.07 -5.74 12.44
CA MET A 384 -18.82 -6.64 13.33
C MET A 384 -17.99 -7.07 14.55
N ARG A 385 -16.69 -7.28 14.36
CA ARG A 385 -15.80 -7.62 15.47
C ARG A 385 -15.51 -6.36 16.31
N CYS A 386 -15.00 -5.34 15.61
CA CYS A 386 -14.69 -4.01 16.14
C CYS A 386 -15.72 -3.42 17.10
N THR A 387 -16.99 -3.67 16.79
CA THR A 387 -18.12 -3.30 17.64
C THR A 387 -18.81 -4.57 18.09
N SER A 388 -18.46 -5.04 19.27
CA SER A 388 -19.01 -6.29 19.78
C SER A 388 -18.97 -6.31 21.30
N ALA A 389 -20.02 -6.86 21.90
CA ALA A 389 -20.07 -7.01 23.36
C ALA A 389 -18.98 -7.97 23.83
N LYS A 390 -18.59 -8.90 22.96
CA LYS A 390 -17.52 -9.87 23.23
C LYS A 390 -16.20 -9.17 23.51
N ILE A 391 -15.79 -8.30 22.58
CA ILE A 391 -14.51 -7.59 22.67
C ILE A 391 -14.67 -6.23 23.36
N ASN A 392 -15.63 -5.44 22.88
CA ASN A 392 -15.89 -4.09 23.39
C ASN A 392 -16.96 -4.16 24.48
N VAL A 393 -16.59 -4.72 25.62
CA VAL A 393 -17.53 -5.00 26.73
C VAL A 393 -18.26 -3.77 27.26
N ASN A 394 -17.62 -2.60 27.18
CA ASN A 394 -18.22 -1.35 27.67
C ASN A 394 -19.06 -0.58 26.64
N GLY A 395 -19.05 -1.03 25.39
CA GLY A 395 -19.80 -0.36 24.32
C GLY A 395 -19.47 1.12 24.20
N GLU A 396 -18.18 1.42 24.20
CA GLU A 396 -17.70 2.80 24.15
C GLU A 396 -16.44 2.89 23.29
N TRP A 397 -15.86 4.08 23.27
CA TRP A 397 -14.55 4.28 22.69
C TRP A 397 -13.58 4.35 23.84
N PRO A 398 -12.79 3.27 24.02
CA PRO A 398 -11.80 3.29 25.10
C PRO A 398 -10.64 4.30 24.91
N SER A 399 -10.04 4.72 26.03
CA SER A 399 -8.87 5.60 26.04
C SER A 399 -7.58 4.84 25.74
N PRO A 400 -6.80 5.31 24.74
CA PRO A 400 -5.63 4.56 24.35
C PRO A 400 -4.58 4.54 25.45
N ALA A 401 -3.98 3.38 25.70
CA ALA A 401 -2.86 3.26 26.62
C ALA A 401 -1.56 3.68 25.90
N ALA A 402 -0.44 3.07 26.28
CA ALA A 402 0.84 3.31 25.61
C ALA A 402 0.88 2.63 24.24
N TYR A 403 1.48 3.30 23.26
CA TYR A 403 1.55 2.76 21.89
C TYR A 403 2.82 1.94 21.64
N THR A 404 2.62 0.68 21.24
CA THR A 404 3.67 -0.16 20.69
C THR A 404 4.18 0.45 19.38
N GLU A 405 5.37 0.04 18.94
CA GLU A 405 5.82 0.39 17.59
C GLU A 405 4.85 -0.21 16.58
N GLU A 406 4.42 -1.44 16.82
CA GLU A 406 3.44 -2.08 15.97
C GLU A 406 2.17 -1.27 15.87
N ASP A 407 1.71 -0.76 17.00
CA ASP A 407 0.57 0.16 17.02
C ASP A 407 0.88 1.32 16.08
N GLU A 408 2.00 2.00 16.33
CA GLU A 408 2.39 3.16 15.54
C GLU A 408 2.48 2.89 14.04
N SER A 409 2.78 1.66 13.63
CA SER A 409 2.84 1.33 12.21
C SER A 409 1.44 1.41 11.61
N LEU A 410 0.49 0.68 12.20
CA LEU A 410 -0.90 0.69 11.75
C LEU A 410 -1.41 2.13 11.66
N ILE A 411 -1.21 2.88 12.74
CA ILE A 411 -1.63 4.29 12.84
C ILE A 411 -1.07 5.13 11.67
N GLN A 412 0.21 4.96 11.38
CA GLN A 412 0.85 5.71 10.31
C GLN A 412 0.15 5.44 8.99
N LEU A 413 -0.33 4.21 8.82
CA LEU A 413 -1.10 3.90 7.63
C LEU A 413 -2.40 4.71 7.66
N ILE A 414 -3.03 4.79 8.82
CA ILE A 414 -4.32 5.47 8.96
C ILE A 414 -4.13 6.99 8.84
N LYS A 415 -3.02 7.50 9.37
CA LYS A 415 -2.68 8.93 9.24
C LYS A 415 -2.43 9.36 7.79
N ASP A 416 -1.84 8.45 7.02
CA ASP A 416 -1.43 8.71 5.64
C ASP A 416 -2.58 8.51 4.64
N LEU A 417 -3.41 7.51 4.92
CA LEU A 417 -4.48 7.04 4.00
C LEU A 417 -5.32 8.13 3.31
N PRO A 418 -5.73 9.17 4.06
CA PRO A 418 -6.48 10.30 3.49
C PRO A 418 -5.72 11.07 2.43
N GLY A 419 -4.53 11.53 2.77
CA GLY A 419 -3.72 12.31 1.85
C GLY A 419 -3.52 11.60 0.53
N THR A 420 -3.47 10.27 0.58
CA THR A 420 -3.27 9.46 -0.61
C THR A 420 -4.54 9.37 -1.42
N ALA A 421 -5.64 9.02 -0.77
CA ALA A 421 -6.93 8.95 -1.45
C ALA A 421 -7.33 10.33 -1.98
N ASP A 422 -6.97 11.40 -1.27
CA ASP A 422 -7.26 12.75 -1.78
C ASP A 422 -6.70 12.96 -3.19
N HIS A 423 -5.48 12.51 -3.42
CA HIS A 423 -4.88 12.62 -4.75
C HIS A 423 -5.63 11.79 -5.76
N TYR A 424 -5.98 10.57 -5.39
CA TYR A 424 -6.59 9.63 -6.34
C TYR A 424 -7.99 10.07 -6.71
N TYR A 425 -8.75 10.55 -5.73
CA TYR A 425 -10.06 11.12 -5.98
C TYR A 425 -9.96 12.33 -6.89
N LEU A 426 -8.91 13.14 -6.71
CA LEU A 426 -8.70 14.34 -7.52
C LEU A 426 -8.19 14.06 -8.93
N ILE A 427 -7.38 13.02 -9.12
CA ILE A 427 -6.78 12.71 -10.46
C ILE A 427 -7.74 12.89 -11.64
N PRO A 428 -8.92 12.26 -11.59
CA PRO A 428 -9.46 11.27 -10.65
C PRO A 428 -9.19 9.84 -11.05
N ASP A 429 -8.94 9.00 -10.05
CA ASP A 429 -8.92 7.56 -10.23
C ASP A 429 -9.64 6.92 -9.05
N ILE A 430 -10.94 6.71 -9.21
CA ILE A 430 -11.74 6.11 -8.11
C ILE A 430 -11.28 4.69 -7.71
N GLN A 431 -10.72 3.94 -8.65
CA GLN A 431 -10.16 2.63 -8.36
C GLN A 431 -8.95 2.71 -7.43
N LYS A 432 -7.96 3.51 -7.80
CA LYS A 432 -6.75 3.64 -7.01
C LYS A 432 -6.96 4.44 -5.73
N ALA A 433 -8.15 5.02 -5.57
CA ALA A 433 -8.58 5.52 -4.28
C ALA A 433 -9.34 4.43 -3.47
N ILE A 434 -10.06 3.53 -4.11
CA ILE A 434 -10.76 2.45 -3.34
C ILE A 434 -9.79 1.43 -2.72
N ILE A 435 -8.83 0.96 -3.53
CA ILE A 435 -7.86 -0.05 -3.11
C ILE A 435 -7.05 0.57 -1.98
N ALA A 436 -6.50 1.75 -2.28
CA ALA A 436 -5.81 2.56 -1.28
C ALA A 436 -6.43 2.45 0.12
N VAL A 437 -7.76 2.52 0.19
CA VAL A 437 -8.48 2.38 1.47
C VAL A 437 -8.51 0.93 1.94
N PHE A 438 -8.78 0.02 1.01
CA PHE A 438 -8.86 -1.39 1.33
C PHE A 438 -7.50 -2.01 1.68
N ASP A 439 -6.41 -1.39 1.19
CA ASP A 439 -5.08 -1.75 1.69
C ASP A 439 -5.06 -1.48 3.20
N VAL A 440 -5.53 -0.29 3.59
CA VAL A 440 -5.55 0.10 5.00
C VAL A 440 -6.55 -0.72 5.82
N LEU A 441 -7.62 -1.20 5.19
CA LEU A 441 -8.61 -2.04 5.87
C LEU A 441 -8.05 -3.44 6.15
N ARG A 442 -7.30 -3.95 5.18
CA ARG A 442 -6.69 -5.26 5.31
C ARG A 442 -5.65 -5.24 6.43
N ALA A 443 -4.90 -4.14 6.49
CA ALA A 443 -3.87 -3.93 7.50
C ALA A 443 -4.49 -3.94 8.87
N ILE A 444 -5.51 -3.10 9.03
CA ILE A 444 -6.27 -2.98 10.28
C ILE A 444 -6.73 -4.37 10.74
N ASN A 445 -7.12 -5.19 9.77
CA ASN A 445 -7.64 -6.52 10.06
C ASN A 445 -6.53 -7.49 10.47
N ALA A 446 -5.39 -7.45 9.80
CA ALA A 446 -4.23 -8.26 10.18
C ALA A 446 -3.84 -7.96 11.63
N TYR A 447 -3.62 -6.67 11.90
CA TYR A 447 -3.31 -6.15 13.24
C TYR A 447 -4.18 -6.75 14.34
N VAL A 448 -5.48 -6.86 14.10
CA VAL A 448 -6.42 -7.31 15.13
C VAL A 448 -6.34 -8.84 15.33
N THR A 449 -6.19 -9.57 14.24
CA THR A 449 -5.96 -11.01 14.30
C THR A 449 -4.68 -11.27 15.08
N ASP A 450 -3.71 -10.38 14.86
CA ASP A 450 -2.42 -10.48 15.49
C ASP A 450 -2.52 -10.17 16.98
N MET A 451 -3.19 -9.07 17.31
CA MET A 451 -3.28 -8.64 18.70
C MET A 451 -4.18 -9.52 19.57
N ALA A 452 -5.06 -10.29 18.93
CA ALA A 452 -5.94 -11.24 19.63
C ALA A 452 -6.74 -10.60 20.76
N PRO A 453 -7.58 -9.61 20.44
CA PRO A 453 -8.31 -8.85 21.46
C PRO A 453 -9.35 -9.70 22.20
N TRP A 454 -9.83 -10.75 21.54
CA TRP A 454 -10.65 -11.75 22.22
C TRP A 454 -9.93 -12.32 23.42
N LYS A 455 -8.63 -12.60 23.29
CA LYS A 455 -7.83 -13.05 24.42
C LYS A 455 -7.56 -11.93 25.43
N LEU A 456 -7.24 -10.74 24.93
CA LEU A 456 -6.85 -9.59 25.78
C LEU A 456 -7.92 -9.15 26.80
N VAL A 457 -9.19 -9.28 26.46
CA VAL A 457 -10.27 -8.94 27.39
C VAL A 457 -10.08 -9.58 28.77
N LYS A 458 -9.38 -10.72 28.81
CA LYS A 458 -9.07 -11.41 30.07
C LYS A 458 -7.64 -11.12 30.59
N THR A 459 -6.63 -11.23 29.70
CA THR A 459 -5.22 -11.06 30.10
C THR A 459 -4.84 -9.63 30.42
N ASP A 460 -5.22 -8.70 29.55
CA ASP A 460 -4.71 -7.34 29.64
C ASP A 460 -5.73 -6.32 29.12
N PRO A 461 -6.74 -6.02 29.95
CA PRO A 461 -7.75 -5.01 29.60
C PRO A 461 -7.16 -3.63 29.29
N GLU A 462 -6.01 -3.31 29.87
CA GLU A 462 -5.37 -2.01 29.63
C GLU A 462 -4.80 -1.94 28.20
N ARG A 463 -4.27 -3.06 27.73
CA ARG A 463 -3.76 -3.17 26.36
C ARG A 463 -4.93 -3.19 25.36
N LEU A 464 -5.99 -3.89 25.73
CA LEU A 464 -7.19 -3.99 24.89
C LEU A 464 -7.75 -2.62 24.56
N ARG A 465 -7.58 -1.66 25.47
CA ARG A 465 -8.00 -0.29 25.21
C ARG A 465 -7.25 0.27 24.01
N THR A 466 -5.92 0.13 24.00
CA THR A 466 -5.11 0.61 22.88
C THR A 466 -5.46 -0.11 21.56
N VAL A 467 -5.69 -1.42 21.62
CA VAL A 467 -6.07 -2.16 20.41
C VAL A 467 -7.43 -1.69 19.89
N LEU A 468 -8.48 -1.80 20.72
CA LEU A 468 -9.84 -1.43 20.32
C LEU A 468 -9.92 -0.04 19.74
N TYR A 469 -9.30 0.93 20.43
CA TYR A 469 -9.31 2.32 19.96
C TYR A 469 -8.69 2.50 18.57
N ILE A 470 -7.49 1.99 18.35
CA ILE A 470 -6.88 2.09 17.03
C ILE A 470 -7.78 1.47 15.95
N THR A 471 -8.25 0.24 16.19
CA THR A 471 -9.17 -0.44 15.28
C THR A 471 -10.31 0.48 14.93
N LEU A 472 -10.99 0.99 15.95
CA LEU A 472 -12.17 1.80 15.77
C LEU A 472 -11.88 3.01 14.90
N GLU A 473 -10.86 3.79 15.31
CA GLU A 473 -10.46 4.98 14.57
C GLU A 473 -10.02 4.60 13.17
N GLY A 474 -9.44 3.41 13.04
CA GLY A 474 -9.10 2.86 11.74
C GLY A 474 -10.36 2.69 10.92
N VAL A 475 -11.25 1.81 11.37
CA VAL A 475 -12.54 1.55 10.72
C VAL A 475 -13.28 2.84 10.38
N ARG A 476 -13.17 3.84 11.25
CA ARG A 476 -13.82 5.12 11.03
C ARG A 476 -13.20 5.87 9.85
N VAL A 477 -11.90 6.13 9.89
CA VAL A 477 -11.27 6.97 8.86
C VAL A 477 -11.40 6.34 7.47
N THR A 478 -11.33 5.02 7.42
CA THR A 478 -11.57 4.31 6.16
C THR A 478 -13.02 4.50 5.71
N THR A 479 -13.99 4.29 6.60
CA THR A 479 -15.40 4.38 6.20
C THR A 479 -15.71 5.78 5.74
N LEU A 480 -15.20 6.77 6.46
CA LEU A 480 -15.33 8.17 6.06
C LEU A 480 -14.86 8.37 4.62
N LEU A 481 -13.68 7.84 4.29
CA LEU A 481 -13.15 7.97 2.93
C LEU A 481 -13.86 7.06 1.90
N LEU A 482 -14.65 6.10 2.37
CA LEU A 482 -15.46 5.27 1.47
C LEU A 482 -16.89 5.83 1.28
N SER A 483 -17.20 6.98 1.88
CA SER A 483 -18.57 7.50 1.89
C SER A 483 -19.14 7.61 0.48
N PRO A 484 -18.40 8.26 -0.45
CA PRO A 484 -18.99 8.49 -1.77
C PRO A 484 -19.23 7.18 -2.56
N ILE A 485 -18.49 6.13 -2.20
CA ILE A 485 -18.66 4.81 -2.81
C ILE A 485 -19.83 4.06 -2.16
N LEU A 486 -19.91 4.17 -0.83
CA LEU A 486 -20.91 3.45 -0.05
C LEU A 486 -21.69 4.45 0.81
N PRO A 487 -22.51 5.29 0.15
CA PRO A 487 -23.18 6.41 0.83
C PRO A 487 -24.12 5.98 1.93
N ARG A 488 -24.90 4.93 1.68
CA ARG A 488 -25.93 4.48 2.60
C ARG A 488 -25.36 3.55 3.67
N LYS A 489 -24.45 2.65 3.28
CA LYS A 489 -23.87 1.70 4.24
C LYS A 489 -22.88 2.37 5.19
N SER A 490 -22.15 3.38 4.69
CA SER A 490 -21.23 4.16 5.52
C SER A 490 -21.97 4.79 6.70
N VAL A 491 -23.18 5.27 6.46
CA VAL A 491 -24.02 5.76 7.56
C VAL A 491 -24.36 4.62 8.55
N VAL A 492 -24.65 3.42 8.06
CA VAL A 492 -24.92 2.29 8.97
C VAL A 492 -23.70 1.96 9.82
N ILE A 493 -22.52 1.96 9.19
CA ILE A 493 -21.25 1.75 9.88
C ILE A 493 -21.05 2.78 10.99
N PHE A 494 -21.19 4.06 10.65
CA PHE A 494 -21.07 5.11 11.65
C PHE A 494 -22.08 4.96 12.78
N ASP A 495 -23.31 4.58 12.45
CA ASP A 495 -24.33 4.37 13.46
C ASP A 495 -23.93 3.27 14.43
N MET A 496 -23.35 2.19 13.92
CA MET A 496 -22.88 1.11 14.80
C MET A 496 -21.78 1.61 15.72
N LEU A 497 -20.88 2.41 15.14
CA LEU A 497 -19.76 3.01 15.88
C LEU A 497 -20.23 4.12 16.81
N GLY A 498 -21.39 4.70 16.54
CA GLY A 498 -21.91 5.79 17.35
C GLY A 498 -21.09 7.05 17.17
N VAL A 499 -20.57 7.25 15.97
CA VAL A 499 -19.85 8.46 15.65
C VAL A 499 -20.84 9.61 15.61
N PRO A 500 -20.48 10.76 16.18
CA PRO A 500 -21.35 11.91 16.03
C PRO A 500 -21.43 12.37 14.59
N GLU A 501 -22.60 12.89 14.22
CA GLU A 501 -22.85 13.40 12.87
C GLU A 501 -21.80 14.41 12.41
N VAL A 502 -21.34 15.27 13.30
CA VAL A 502 -20.38 16.28 12.90
C VAL A 502 -19.06 15.64 12.43
N HIS A 503 -18.75 14.46 12.94
CA HIS A 503 -17.50 13.76 12.58
C HIS A 503 -17.59 12.84 11.38
N ARG A 504 -18.67 12.99 10.60
CA ARG A 504 -18.92 12.16 9.41
C ARG A 504 -18.66 12.94 8.11
N LYS A 505 -18.24 14.19 8.23
CA LYS A 505 -17.98 15.05 7.09
C LYS A 505 -16.76 15.89 7.47
N GLY A 506 -16.09 16.46 6.49
CA GLY A 506 -15.12 17.55 6.72
C GLY A 506 -13.71 17.06 6.90
N ILE A 507 -12.74 17.84 6.40
CA ILE A 507 -11.32 17.42 6.44
C ILE A 507 -10.77 17.37 7.87
N GLU A 508 -11.41 18.09 8.78
CA GLU A 508 -11.04 18.04 10.19
C GLU A 508 -11.12 16.61 10.73
N ASN A 509 -11.96 15.79 10.11
CA ASN A 509 -12.15 14.41 10.55
C ASN A 509 -11.44 13.39 9.69
N PHE A 510 -10.49 13.85 8.87
CA PHE A 510 -9.48 12.98 8.26
C PHE A 510 -8.34 12.80 9.27
N GLU A 511 -8.25 13.69 10.26
CA GLU A 511 -7.25 13.60 11.32
C GLU A 511 -7.45 12.34 12.15
N PHE A 512 -6.35 11.69 12.52
CA PHE A 512 -6.44 10.51 13.38
C PHE A 512 -6.88 10.97 14.75
N GLY A 513 -7.96 10.37 15.25
CA GLY A 513 -8.43 10.58 16.62
C GLY A 513 -9.29 11.82 16.81
N ALA A 514 -10.06 12.17 15.79
CA ALA A 514 -10.97 13.32 15.87
C ALA A 514 -12.20 12.98 16.72
N VAL A 515 -12.54 11.69 16.79
CA VAL A 515 -13.58 11.21 17.72
C VAL A 515 -12.91 10.80 19.03
N PRO A 516 -13.28 11.46 20.15
CA PRO A 516 -12.59 11.21 21.40
C PRO A 516 -13.19 10.04 22.18
N PRO A 517 -12.38 9.44 23.07
CA PRO A 517 -12.83 8.26 23.80
C PRO A 517 -13.89 8.63 24.82
N GLY A 518 -14.67 7.63 25.24
CA GLY A 518 -15.88 7.87 26.00
C GLY A 518 -17.09 8.06 25.10
N THR A 519 -16.88 8.06 23.78
CA THR A 519 -17.98 8.12 22.82
C THR A 519 -18.69 6.78 22.80
N ARG A 520 -20.02 6.80 22.84
CA ARG A 520 -20.81 5.59 23.06
C ARG A 520 -21.21 4.98 21.73
N LEU A 521 -21.13 3.66 21.64
CA LEU A 521 -21.51 2.95 20.41
C LEU A 521 -23.01 3.00 20.24
N GLY A 522 -23.46 2.96 18.98
CA GLY A 522 -24.88 2.91 18.68
C GLY A 522 -25.46 1.59 19.14
N PRO A 523 -26.79 1.46 19.15
CA PRO A 523 -27.39 0.29 19.75
C PRO A 523 -27.04 -0.98 18.97
N ALA A 524 -26.84 -2.08 19.69
CA ALA A 524 -26.50 -3.37 19.08
C ALA A 524 -27.78 -4.13 18.72
N VAL A 525 -28.03 -4.29 17.42
CA VAL A 525 -29.13 -5.11 16.92
C VAL A 525 -28.60 -6.52 16.64
N GLU A 526 -29.31 -7.52 17.16
CA GLU A 526 -28.84 -8.91 17.16
C GLU A 526 -28.72 -9.48 15.75
N GLY A 527 -29.71 -9.22 14.92
CA GLY A 527 -29.69 -9.67 13.52
C GLY A 527 -28.73 -8.90 12.64
N GLU A 528 -28.60 -7.60 12.90
CA GLU A 528 -27.91 -6.65 12.01
C GLU A 528 -26.66 -7.21 11.35
N VAL A 529 -26.77 -7.53 10.05
CA VAL A 529 -25.61 -7.84 9.20
C VAL A 529 -25.37 -6.63 8.32
N LEU A 530 -24.10 -6.31 8.06
CA LEU A 530 -23.78 -5.14 7.24
C LEU A 530 -23.89 -5.49 5.75
N PHE A 531 -23.12 -6.48 5.30
CA PHE A 531 -23.21 -7.00 3.94
C PHE A 531 -23.48 -8.50 3.99
N SER A 532 -24.35 -8.97 3.10
CA SER A 532 -24.87 -10.33 3.15
C SER A 532 -24.19 -11.22 2.11
N LYS A 533 -23.53 -12.28 2.59
CA LYS A 533 -22.81 -13.20 1.70
C LYS A 533 -23.80 -14.01 0.87
N ARG A 534 -23.58 -14.04 -0.44
CA ARG A 534 -24.53 -14.62 -1.41
C ARG A 534 -24.13 -16.03 -1.83
N SER A 535 -25.01 -16.70 -2.58
CA SER A 535 -24.67 -17.95 -3.25
C SER A 535 -23.73 -17.68 -4.44
N THR A 536 -22.82 -18.62 -4.71
CA THR A 536 -21.79 -18.43 -5.76
C THR A 536 -22.38 -18.53 -7.18
N GLY B 1 3.81 10.62 6.62
CA GLY B 1 4.38 11.33 7.80
C GLY B 1 5.78 10.87 8.15
N PRO B 2 6.44 11.56 9.09
CA PRO B 2 7.86 11.38 9.44
C PRO B 2 8.24 10.11 10.21
N GLY B 3 9.49 9.71 10.06
CA GLY B 3 10.01 8.52 10.71
C GLY B 3 10.47 8.82 12.12
N SER B 4 10.62 7.78 12.92
CA SER B 4 10.97 7.91 14.33
C SER B 4 12.35 8.53 14.58
N MET B 5 12.52 9.03 15.79
CA MET B 5 13.74 9.67 16.28
C MET B 5 15.00 8.86 16.06
N LYS B 6 16.09 9.50 15.64
CA LYS B 6 17.42 8.86 15.69
C LYS B 6 17.82 8.69 17.15
N VAL B 7 18.09 7.44 17.57
CA VAL B 7 18.51 7.19 18.95
C VAL B 7 19.81 7.95 19.27
N GLU B 8 19.84 8.61 20.43
CA GLU B 8 20.95 9.49 20.81
C GLU B 8 22.21 8.65 21.10
N LYS B 9 22.00 7.43 21.62
CA LYS B 9 23.08 6.50 21.93
C LYS B 9 23.60 5.77 20.68
N VAL B 10 24.48 4.79 20.90
CA VAL B 10 24.83 3.80 19.86
C VAL B 10 23.85 2.61 19.86
N PHE B 11 23.25 2.35 18.71
CA PHE B 11 22.28 1.28 18.53
C PHE B 11 22.98 -0.07 18.64
N PHE B 12 22.61 -0.83 19.66
CA PHE B 12 23.21 -2.11 19.97
C PHE B 12 22.25 -3.20 19.53
N VAL B 13 22.69 -4.08 18.63
CA VAL B 13 21.88 -5.25 18.24
C VAL B 13 22.71 -6.53 18.25
N THR B 14 22.08 -7.62 18.69
CA THR B 14 22.78 -8.89 18.87
C THR B 14 22.09 -10.07 18.20
N SER B 15 22.92 -11.06 17.87
CA SER B 15 22.49 -12.40 17.51
C SER B 15 22.71 -13.26 18.74
N PRO B 16 22.08 -14.44 18.80
CA PRO B 16 22.51 -15.36 19.83
C PRO B 16 23.91 -15.87 19.49
N ILE B 17 24.70 -16.23 20.50
CA ILE B 17 26.00 -16.86 20.27
C ILE B 17 25.80 -18.38 20.30
N TYR B 18 26.36 -19.09 19.33
CA TYR B 18 25.95 -20.46 19.02
C TYR B 18 26.86 -21.52 19.59
N TYR B 19 26.29 -22.62 20.06
CA TYR B 19 27.09 -23.70 20.60
C TYR B 19 28.02 -24.18 19.50
N VAL B 20 29.33 -24.13 19.76
CA VAL B 20 30.34 -24.61 18.81
C VAL B 20 30.58 -26.10 19.02
N ASN B 21 29.49 -26.86 18.92
CA ASN B 21 29.54 -28.31 19.03
C ASN B 21 29.39 -28.99 17.68
N ALA B 22 29.33 -28.18 16.63
CA ALA B 22 29.04 -28.64 15.27
C ALA B 22 29.31 -27.50 14.29
N ALA B 23 29.20 -27.81 12.99
CA ALA B 23 29.45 -26.81 11.97
C ALA B 23 28.29 -25.82 11.91
N PRO B 24 28.57 -24.58 11.48
CA PRO B 24 27.51 -23.61 11.26
C PRO B 24 26.56 -24.07 10.16
N HIS B 25 25.26 -23.91 10.39
CA HIS B 25 24.26 -24.23 9.37
C HIS B 25 23.28 -23.08 9.25
N ILE B 26 22.31 -23.23 8.35
CA ILE B 26 21.45 -22.11 7.95
C ILE B 26 20.84 -21.33 9.12
N GLY B 27 20.32 -22.05 10.11
CA GLY B 27 19.67 -21.40 11.25
C GLY B 27 20.46 -20.23 11.81
N HIS B 28 21.76 -20.43 11.97
CA HIS B 28 22.66 -19.43 12.54
C HIS B 28 22.87 -18.30 11.56
N VAL B 29 23.14 -18.67 10.32
CA VAL B 29 23.24 -17.71 9.21
C VAL B 29 22.03 -16.77 9.17
N TYR B 30 20.84 -17.33 9.41
CA TYR B 30 19.60 -16.57 9.44
C TYR B 30 19.57 -15.63 10.62
N SER B 31 19.71 -16.19 11.82
CA SER B 31 19.61 -15.40 13.04
C SER B 31 20.57 -14.23 12.99
N THR B 32 21.82 -14.51 12.60
CA THR B 32 22.81 -13.46 12.46
C THR B 32 22.50 -12.49 11.29
N LEU B 33 21.90 -13.01 10.22
CA LEU B 33 21.42 -12.16 9.10
C LEU B 33 20.45 -11.08 9.58
N ILE B 34 19.47 -11.46 10.41
CA ILE B 34 18.53 -10.48 10.95
C ILE B 34 19.34 -9.38 11.62
N THR B 35 20.16 -9.80 12.57
CA THR B 35 21.01 -8.88 13.31
C THR B 35 21.76 -7.94 12.36
N ASP B 36 22.27 -8.49 11.24
CA ASP B 36 22.99 -7.68 10.28
C ASP B 36 22.10 -6.59 9.66
N VAL B 37 20.92 -7.02 9.22
CA VAL B 37 19.95 -6.15 8.53
C VAL B 37 19.52 -4.99 9.43
N ILE B 38 19.09 -5.34 10.64
CA ILE B 38 18.69 -4.32 11.61
C ILE B 38 19.80 -3.28 11.75
N GLY B 39 21.03 -3.73 11.98
CA GLY B 39 22.17 -2.84 12.13
C GLY B 39 22.34 -1.95 10.92
N ARG B 40 22.38 -2.58 9.74
CA ARG B 40 22.50 -1.86 8.49
C ARG B 40 21.46 -0.75 8.36
N TYR B 41 20.21 -1.03 8.65
CA TYR B 41 19.18 0.01 8.53
C TYR B 41 19.57 1.25 9.31
N HIS B 42 19.91 1.01 10.59
CA HIS B 42 20.19 2.11 11.50
C HIS B 42 21.43 2.87 11.12
N ARG B 43 22.38 2.21 10.45
CA ARG B 43 23.56 2.89 9.90
C ARG B 43 23.14 3.72 8.71
N VAL B 44 22.24 3.17 7.91
CA VAL B 44 21.69 3.88 6.76
C VAL B 44 20.86 5.05 7.24
N LYS B 45 20.24 4.91 8.40
CA LYS B 45 19.51 6.02 9.02
C LYS B 45 20.44 7.17 9.46
N GLY B 46 21.68 6.85 9.82
CA GLY B 46 22.63 7.82 10.36
C GLY B 46 23.02 7.58 11.82
N GLU B 47 22.49 6.50 12.41
CA GLU B 47 22.73 6.17 13.80
C GLU B 47 24.04 5.41 13.91
N ARG B 48 24.71 5.52 15.06
CA ARG B 48 25.85 4.66 15.39
C ARG B 48 25.36 3.26 15.72
N VAL B 49 26.11 2.24 15.29
CA VAL B 49 25.63 0.89 15.50
C VAL B 49 26.72 -0.08 15.92
N PHE B 50 26.36 -0.92 16.88
CA PHE B 50 27.20 -2.03 17.27
C PHE B 50 26.42 -3.32 17.03
N ALA B 51 26.90 -4.12 16.08
CA ALA B 51 26.26 -5.38 15.74
C ALA B 51 27.12 -6.52 16.25
N LEU B 52 26.54 -7.35 17.09
CA LEU B 52 27.31 -8.34 17.85
C LEU B 52 26.85 -9.75 17.51
N THR B 53 27.81 -10.61 17.16
CA THR B 53 27.56 -12.04 16.99
C THR B 53 28.73 -12.85 17.56
N GLY B 54 28.52 -14.12 17.85
CA GLY B 54 29.59 -14.96 18.37
C GLY B 54 29.26 -16.41 18.66
N THR B 55 30.16 -17.04 19.41
CA THR B 55 30.10 -18.46 19.69
C THR B 55 30.10 -18.72 21.20
N ASP B 56 29.41 -19.80 21.57
CA ASP B 56 29.11 -20.16 22.95
C ASP B 56 29.85 -21.46 23.24
N GLU B 57 31.03 -21.36 23.86
CA GLU B 57 32.02 -22.46 23.85
C GLU B 57 32.08 -23.37 25.09
N HIS B 58 31.55 -22.94 26.23
CA HIS B 58 31.67 -23.75 27.43
C HIS B 58 30.60 -24.79 27.55
N GLY B 59 30.66 -25.54 28.64
CA GLY B 59 29.59 -26.46 29.01
C GLY B 59 29.78 -27.86 28.48
N GLN B 60 28.85 -28.73 28.87
CA GLN B 60 28.90 -30.16 28.53
C GLN B 60 28.68 -30.44 27.03
N LYS B 61 27.71 -29.73 26.43
CA LYS B 61 27.36 -29.98 25.02
C LYS B 61 28.61 -29.91 24.17
N VAL B 62 29.33 -28.79 24.29
CA VAL B 62 30.56 -28.57 23.54
C VAL B 62 31.65 -29.53 23.98
N ALA B 63 31.74 -29.79 25.28
CA ALA B 63 32.74 -30.71 25.84
C ALA B 63 32.62 -32.14 25.30
N GLU B 64 31.40 -32.68 25.26
CA GLU B 64 31.16 -34.03 24.76
C GLU B 64 31.34 -34.13 23.26
N ALA B 65 31.18 -33.01 22.57
CA ALA B 65 31.44 -32.93 21.14
C ALA B 65 32.93 -33.07 20.84
N ALA B 66 33.76 -32.54 21.73
CA ALA B 66 35.22 -32.68 21.62
C ALA B 66 35.67 -34.08 22.03
N LYS B 67 35.04 -34.60 23.09
CA LYS B 67 35.27 -35.98 23.51
C LYS B 67 34.89 -36.96 22.39
N GLN B 68 33.80 -36.68 21.68
CA GLN B 68 33.41 -37.50 20.52
C GLN B 68 34.49 -37.53 19.43
N LYS B 69 35.12 -36.39 19.20
CA LYS B 69 36.15 -36.26 18.18
C LYS B 69 37.49 -36.80 18.64
N GLN B 70 37.62 -37.05 19.94
CA GLN B 70 38.90 -37.43 20.55
C GLN B 70 39.93 -36.32 20.30
N VAL B 71 39.45 -35.08 20.40
CA VAL B 71 40.26 -33.88 20.33
C VAL B 71 40.07 -33.10 21.63
N SER B 72 41.09 -32.33 22.00
CA SER B 72 41.04 -31.47 23.18
C SER B 72 39.92 -30.43 23.00
N PRO B 73 39.20 -30.08 24.09
CA PRO B 73 38.12 -29.11 23.94
C PRO B 73 38.63 -27.72 23.60
N TYR B 74 39.86 -27.40 24.00
CA TYR B 74 40.50 -26.16 23.58
C TYR B 74 40.57 -26.10 22.06
N ASP B 75 41.21 -27.11 21.48
CA ASP B 75 41.37 -27.20 20.02
C ASP B 75 40.01 -27.31 19.33
N PHE B 76 39.21 -28.28 19.77
CA PHE B 76 37.93 -28.56 19.16
C PHE B 76 37.06 -27.32 19.01
N THR B 77 37.06 -26.47 20.03
CA THR B 77 36.31 -25.22 19.99
C THR B 77 36.98 -24.19 19.10
N THR B 78 38.30 -24.05 19.22
CA THR B 78 39.01 -23.06 18.40
C THR B 78 38.82 -23.37 16.92
N ALA B 79 38.69 -24.67 16.62
CA ALA B 79 38.39 -25.11 15.25
C ALA B 79 37.01 -24.63 14.83
N VAL B 80 35.97 -25.16 15.48
CA VAL B 80 34.59 -24.82 15.12
C VAL B 80 34.37 -23.31 15.11
N ALA B 81 34.93 -22.61 16.10
CA ALA B 81 34.87 -21.13 16.12
C ALA B 81 35.52 -20.51 14.87
N GLY B 82 36.46 -21.24 14.28
CA GLY B 82 37.00 -20.88 12.99
C GLY B 82 36.00 -21.12 11.86
N GLU B 83 35.29 -22.25 11.91
CA GLU B 83 34.28 -22.58 10.90
C GLU B 83 33.13 -21.55 10.88
N PHE B 84 32.82 -20.99 12.06
CA PHE B 84 31.84 -19.91 12.15
C PHE B 84 32.37 -18.60 11.59
N LYS B 85 33.53 -18.15 12.05
CA LYS B 85 34.11 -16.89 11.56
C LYS B 85 34.21 -16.87 10.04
N LYS B 86 34.69 -17.97 9.45
CA LYS B 86 34.85 -18.07 8.00
C LYS B 86 33.50 -18.03 7.30
N CYS B 87 32.51 -18.69 7.88
CA CYS B 87 31.16 -18.68 7.31
C CYS B 87 30.60 -17.26 7.18
N PHE B 88 30.78 -16.45 8.21
CA PHE B 88 30.19 -15.12 8.25
C PHE B 88 30.98 -14.11 7.41
N GLU B 89 32.31 -14.26 7.35
CA GLU B 89 33.10 -13.51 6.38
C GLU B 89 32.56 -13.81 4.99
N GLN B 90 32.29 -15.08 4.74
CA GLN B 90 31.84 -15.55 3.44
C GLN B 90 30.44 -15.04 3.11
N MET B 91 29.61 -14.84 4.13
CA MET B 91 28.23 -14.40 3.93
C MET B 91 28.05 -12.90 3.70
N ASP B 92 29.14 -12.15 3.80
CA ASP B 92 29.16 -10.71 3.52
C ASP B 92 28.24 -9.91 4.44
N TYR B 93 28.19 -10.28 5.71
CA TYR B 93 27.53 -9.47 6.74
C TYR B 93 28.41 -8.29 7.07
N SER B 94 27.85 -7.33 7.78
CA SER B 94 28.60 -6.21 8.32
C SER B 94 28.35 -6.22 9.84
N ILE B 95 29.15 -7.03 10.53
CA ILE B 95 29.04 -7.19 11.98
C ILE B 95 30.27 -6.57 12.62
N ASP B 96 30.07 -5.90 13.75
CA ASP B 96 31.13 -5.14 14.39
C ASP B 96 32.05 -5.98 15.28
N TYR B 97 31.57 -7.12 15.81
CA TYR B 97 32.43 -7.99 16.61
C TYR B 97 31.92 -9.41 16.76
N PHE B 98 32.88 -10.34 16.81
CA PHE B 98 32.64 -11.76 17.03
C PHE B 98 33.15 -12.13 18.42
N ILE B 99 32.24 -12.45 19.32
CA ILE B 99 32.61 -12.71 20.70
C ILE B 99 32.74 -14.21 20.91
N ARG B 100 33.63 -14.57 21.84
CA ARG B 100 33.86 -15.96 22.19
C ARG B 100 33.82 -16.10 23.71
N THR B 101 33.06 -17.05 24.22
CA THR B 101 32.96 -17.24 25.67
C THR B 101 34.30 -17.68 26.31
N THR B 102 35.25 -18.16 25.49
CA THR B 102 36.60 -18.45 25.98
C THR B 102 37.48 -17.20 26.10
N ASN B 103 37.04 -16.06 25.57
CA ASN B 103 37.81 -14.82 25.71
C ASN B 103 38.00 -14.43 27.18
N GLU B 104 39.22 -14.04 27.55
CA GLU B 104 39.54 -13.65 28.93
C GLU B 104 38.71 -12.49 29.44
N GLN B 105 38.54 -11.45 28.62
CA GLN B 105 37.80 -10.27 29.04
C GLN B 105 36.34 -10.61 29.36
N HIS B 106 35.83 -11.66 28.73
CA HIS B 106 34.48 -12.13 28.97
C HIS B 106 34.37 -12.74 30.34
N LYS B 107 35.23 -13.71 30.62
CA LYS B 107 35.24 -14.40 31.92
C LYS B 107 35.29 -13.38 33.06
N ALA B 108 36.07 -12.31 32.86
CA ALA B 108 36.18 -11.20 33.81
C ALA B 108 34.81 -10.59 34.09
N VAL B 109 34.09 -10.29 33.02
CA VAL B 109 32.78 -9.68 33.13
C VAL B 109 31.79 -10.67 33.76
N VAL B 110 31.96 -11.96 33.50
CA VAL B 110 31.11 -12.98 34.10
C VAL B 110 31.33 -13.02 35.60
N LYS B 111 32.59 -13.08 36.02
CA LYS B 111 32.95 -13.13 37.46
C LYS B 111 32.44 -11.88 38.14
N GLU B 112 32.72 -10.75 37.50
CA GLU B 112 32.28 -9.44 37.94
C GLU B 112 30.77 -9.37 38.13
N LEU B 113 30.00 -9.92 37.18
CA LEU B 113 28.54 -9.97 37.29
C LEU B 113 28.11 -10.95 38.38
N TRP B 114 28.71 -12.13 38.42
CA TRP B 114 28.37 -13.11 39.46
C TRP B 114 28.48 -12.52 40.84
N THR B 115 29.56 -11.78 41.08
CA THR B 115 29.78 -11.10 42.37
C THR B 115 28.64 -10.11 42.68
N LYS B 116 28.14 -9.41 41.67
CA LYS B 116 27.09 -8.44 41.88
C LYS B 116 25.78 -9.13 42.29
N LEU B 117 25.46 -10.25 41.65
CA LEU B 117 24.26 -11.03 42.00
C LEU B 117 24.40 -11.67 43.37
N GLU B 118 25.64 -12.01 43.74
CA GLU B 118 25.95 -12.48 45.10
C GLU B 118 25.82 -11.32 46.08
N GLN B 119 26.54 -10.24 45.78
CA GLN B 119 26.57 -9.04 46.60
C GLN B 119 25.17 -8.55 46.97
N LYS B 120 24.20 -8.67 46.05
CA LYS B 120 22.83 -8.23 46.35
C LYS B 120 21.92 -9.32 46.95
N GLY B 121 22.51 -10.45 47.34
CA GLY B 121 21.81 -11.48 48.10
C GLY B 121 20.78 -12.29 47.35
N ASP B 122 20.90 -12.33 46.03
CA ASP B 122 20.00 -13.09 45.18
C ASP B 122 20.63 -14.41 44.72
N ILE B 123 21.83 -14.70 45.22
CA ILE B 123 22.49 -15.97 44.98
C ILE B 123 22.67 -16.70 46.29
N TYR B 124 22.21 -17.95 46.34
CA TYR B 124 22.31 -18.77 47.57
C TYR B 124 22.61 -20.23 47.25
N LEU B 125 23.37 -20.88 48.13
CA LEU B 125 23.80 -22.26 47.91
C LEU B 125 22.87 -23.27 48.60
N GLY B 126 22.53 -24.33 47.89
CA GLY B 126 21.65 -25.35 48.42
C GLY B 126 21.74 -26.63 47.62
N ARG B 127 21.16 -27.71 48.14
CA ARG B 127 21.06 -28.97 47.40
C ARG B 127 20.04 -28.74 46.30
N TYR B 128 20.28 -29.35 45.14
CA TYR B 128 19.39 -29.22 43.97
C TYR B 128 19.18 -30.56 43.31
N GLU B 129 18.03 -30.69 42.65
CA GLU B 129 17.65 -31.91 41.98
C GLU B 129 16.83 -31.58 40.75
N GLY B 130 17.06 -32.31 39.66
CA GLY B 130 16.23 -32.20 38.46
C GLY B 130 16.70 -33.08 37.31
N TRP B 131 15.95 -33.03 36.22
CA TRP B 131 16.34 -33.64 34.95
C TRP B 131 17.04 -32.60 34.12
N TYR B 132 18.19 -32.95 33.55
CA TYR B 132 18.99 -31.99 32.76
C TYR B 132 19.20 -32.48 31.32
N SER B 133 18.76 -31.66 30.36
CA SER B 133 18.95 -31.93 28.94
C SER B 133 20.28 -31.35 28.51
N ILE B 134 21.27 -32.22 28.30
CA ILE B 134 22.63 -31.77 27.98
C ILE B 134 22.64 -31.04 26.64
N SER B 135 21.68 -31.38 25.76
CA SER B 135 21.58 -30.79 24.42
C SER B 135 20.90 -29.42 24.40
N ASP B 136 19.95 -29.20 25.32
CA ASP B 136 19.31 -27.89 25.49
C ASP B 136 20.08 -27.07 26.54
N GLU B 137 21.01 -27.70 27.24
CA GLU B 137 21.75 -27.09 28.34
C GLU B 137 20.78 -26.43 29.31
N SER B 138 19.82 -27.22 29.79
CA SER B 138 18.76 -26.70 30.65
C SER B 138 18.13 -27.82 31.46
N PHE B 139 17.55 -27.44 32.60
CA PHE B 139 16.76 -28.36 33.40
C PHE B 139 15.32 -28.35 32.91
N LEU B 140 14.63 -29.46 33.12
CA LEU B 140 13.25 -29.61 32.71
C LEU B 140 12.44 -30.14 33.87
N THR B 141 11.30 -29.52 34.13
CA THR B 141 10.38 -30.05 35.14
C THR B 141 9.87 -31.40 34.67
N PRO B 142 9.45 -32.27 35.61
CA PRO B 142 8.93 -33.58 35.22
C PRO B 142 7.68 -33.55 34.32
N GLN B 143 6.96 -32.44 34.30
CA GLN B 143 5.81 -32.27 33.39
C GLN B 143 6.25 -32.20 31.91
N ASN B 144 7.54 -31.94 31.65
CA ASN B 144 8.09 -31.89 30.29
C ASN B 144 8.92 -33.13 29.87
N ILE B 145 8.65 -34.30 30.49
CA ILE B 145 9.50 -35.49 30.29
C ILE B 145 8.74 -36.78 29.95
N THR B 146 9.09 -37.39 28.82
CA THR B 146 8.61 -38.74 28.45
C THR B 146 9.81 -39.67 28.47
N ASP B 147 9.60 -40.95 28.11
CA ASP B 147 10.72 -41.89 27.97
C ASP B 147 10.89 -42.38 26.52
N GLY B 148 12.09 -42.89 26.23
CA GLY B 148 12.42 -43.39 24.89
C GLY B 148 13.87 -43.87 24.83
N VAL B 149 14.06 -45.19 24.75
CA VAL B 149 15.40 -45.82 24.82
C VAL B 149 16.35 -45.29 23.73
N ASP B 150 17.63 -45.23 24.05
CA ASP B 150 18.64 -44.66 23.15
C ASP B 150 19.98 -45.37 23.27
N CYS B 156 15.55 -45.02 28.59
CA CYS B 156 15.82 -43.81 29.35
C CYS B 156 14.66 -42.81 29.25
N LYS B 157 14.83 -41.66 29.91
CA LYS B 157 13.86 -40.56 29.83
C LYS B 157 14.38 -39.43 28.92
N VAL B 158 13.44 -38.76 28.24
CA VAL B 158 13.76 -37.73 27.24
C VAL B 158 12.77 -36.56 27.30
N SER B 159 13.15 -35.45 26.66
CA SER B 159 12.37 -34.21 26.66
C SER B 159 11.11 -34.28 25.79
N LEU B 160 10.07 -33.53 26.17
CA LEU B 160 8.83 -33.46 25.38
C LEU B 160 8.92 -32.48 24.21
N GLU B 161 9.67 -31.40 24.37
CA GLU B 161 9.81 -30.40 23.31
C GLU B 161 10.74 -30.88 22.19
N SER B 162 11.97 -31.25 22.55
CA SER B 162 13.01 -31.59 21.55
C SER B 162 13.34 -33.09 21.42
N GLY B 163 12.77 -33.93 22.28
CA GLY B 163 13.02 -35.37 22.22
C GLY B 163 14.40 -35.83 22.69
N HIS B 164 15.27 -34.88 23.06
CA HIS B 164 16.64 -35.21 23.50
C HIS B 164 16.66 -35.84 24.88
N VAL B 165 17.66 -36.69 25.11
CA VAL B 165 17.77 -37.45 26.35
C VAL B 165 18.04 -36.53 27.55
N VAL B 166 17.55 -36.95 28.72
CA VAL B 166 17.79 -36.24 29.98
C VAL B 166 18.29 -37.17 31.08
N THR B 167 19.37 -36.74 31.75
CA THR B 167 19.95 -37.47 32.88
C THR B 167 19.50 -36.80 34.17
N TRP B 168 19.17 -37.61 35.16
CA TRP B 168 18.85 -37.08 36.49
C TRP B 168 20.11 -36.56 37.11
N VAL B 169 20.03 -35.39 37.75
CA VAL B 169 21.20 -34.76 38.36
C VAL B 169 20.85 -34.37 39.79
N SER B 170 21.72 -34.73 40.74
CA SER B 170 21.51 -34.43 42.16
C SER B 170 22.78 -33.92 42.80
N GLU B 171 22.99 -32.61 42.72
CA GLU B 171 24.22 -31.97 43.18
C GLU B 171 23.91 -30.87 44.18
N GLU B 172 24.96 -30.34 44.78
CA GLU B 172 24.90 -29.07 45.47
C GLU B 172 25.10 -28.02 44.38
N ASN B 173 24.13 -27.12 44.22
CA ASN B 173 24.22 -26.03 43.23
C ASN B 173 23.98 -24.68 43.87
N TYR B 174 24.60 -23.63 43.32
CA TYR B 174 24.17 -22.26 43.62
C TYR B 174 22.86 -21.97 42.88
N MET B 175 21.88 -21.44 43.60
CA MET B 175 20.61 -21.08 43.00
C MET B 175 20.49 -19.56 42.92
N PHE B 176 19.67 -19.09 41.98
CA PHE B 176 19.34 -17.66 41.82
C PHE B 176 17.87 -17.44 42.12
N ARG B 177 17.56 -16.43 42.94
CA ARG B 177 16.21 -16.23 43.47
C ARG B 177 15.24 -15.69 42.42
N LEU B 178 14.95 -16.51 41.42
CA LEU B 178 14.09 -16.06 40.34
C LEU B 178 12.69 -15.74 40.84
N SER B 179 12.22 -16.48 41.85
CA SER B 179 10.87 -16.27 42.39
C SER B 179 10.64 -14.84 42.91
N ALA B 180 11.71 -14.20 43.36
CA ALA B 180 11.61 -12.82 43.87
C ALA B 180 11.55 -11.77 42.77
N PHE B 181 11.51 -12.18 41.51
CA PHE B 181 11.47 -11.26 40.38
C PHE B 181 10.22 -11.35 39.54
N ARG B 182 9.29 -12.22 39.92
CA ARG B 182 8.03 -12.36 39.21
C ARG B 182 7.31 -11.03 39.07
N GLU B 183 7.11 -10.35 40.19
CA GLU B 183 6.40 -9.08 40.22
C GLU B 183 7.06 -8.01 39.35
N ARG B 184 8.39 -7.90 39.46
CA ARG B 184 9.15 -6.92 38.69
C ARG B 184 9.07 -7.20 37.19
N LEU B 185 9.11 -8.48 36.82
CA LEU B 185 9.07 -8.88 35.41
C LEU B 185 7.69 -8.62 34.78
N LEU B 186 6.62 -8.98 35.49
CA LEU B 186 5.26 -8.75 34.99
C LEU B 186 5.02 -7.26 34.78
N GLU B 187 5.49 -6.42 35.72
CA GLU B 187 5.47 -4.97 35.55
C GLU B 187 6.17 -4.52 34.28
N TRP B 188 7.30 -5.17 33.98
CA TRP B 188 8.11 -4.84 32.81
C TRP B 188 7.39 -5.20 31.54
N TYR B 189 6.81 -6.41 31.53
CA TYR B 189 6.08 -6.89 30.37
C TYR B 189 4.90 -5.97 30.04
N HIS B 190 4.19 -5.53 31.07
CA HIS B 190 2.99 -4.71 30.87
C HIS B 190 3.35 -3.26 30.66
N ALA B 191 4.41 -2.78 31.30
CA ALA B 191 4.86 -1.41 31.08
C ALA B 191 5.46 -1.25 29.69
N ASN B 192 6.02 -2.33 29.14
CA ASN B 192 6.63 -2.32 27.81
C ASN B 192 6.05 -3.39 26.89
N PRO B 193 4.84 -3.15 26.38
CA PRO B 193 4.17 -4.14 25.53
C PRO B 193 4.83 -4.42 24.17
N GLY B 194 5.87 -3.68 23.80
CA GLY B 194 6.60 -3.92 22.57
C GLY B 194 7.87 -4.75 22.75
N CYS B 195 8.16 -5.12 23.99
CA CYS B 195 9.49 -5.66 24.35
C CYS B 195 9.73 -7.14 24.03
N ILE B 196 8.67 -7.90 23.74
CA ILE B 196 8.84 -9.20 23.10
C ILE B 196 8.00 -9.20 21.83
N VAL B 197 8.61 -9.55 20.69
CA VAL B 197 7.97 -9.55 19.37
C VAL B 197 8.33 -10.85 18.65
N PRO B 198 7.36 -11.55 18.03
CA PRO B 198 5.94 -11.34 17.83
C PRO B 198 5.12 -11.20 19.10
N GLU B 199 3.94 -10.63 18.94
CA GLU B 199 2.98 -10.41 20.00
C GLU B 199 2.54 -11.71 20.68
N PHE B 200 2.29 -12.77 19.92
CA PHE B 200 1.79 -13.99 20.55
C PHE B 200 2.85 -14.68 21.42
N ARG B 201 4.12 -14.42 21.12
CA ARG B 201 5.23 -14.92 21.94
C ARG B 201 5.27 -14.15 23.27
N ARG B 202 5.16 -12.85 23.17
CA ARG B 202 5.05 -12.03 24.37
C ARG B 202 3.97 -12.60 25.31
N ARG B 203 2.83 -13.00 24.76
CA ARG B 203 1.76 -13.55 25.59
C ARG B 203 2.16 -14.88 26.23
N GLU B 204 2.87 -15.74 25.49
CA GLU B 204 3.36 -17.00 26.05
C GLU B 204 4.22 -16.74 27.28
N VAL B 205 5.18 -15.81 27.12
CA VAL B 205 6.09 -15.43 28.20
C VAL B 205 5.30 -15.01 29.44
N ILE B 206 4.33 -14.12 29.25
CA ILE B 206 3.55 -13.60 30.35
C ILE B 206 2.77 -14.72 31.04
N ARG B 207 2.11 -15.57 30.27
CA ARG B 207 1.38 -16.71 30.85
C ARG B 207 2.32 -17.58 31.67
N ALA B 208 3.52 -17.80 31.15
CA ALA B 208 4.51 -18.62 31.85
C ALA B 208 4.90 -17.97 33.18
N VAL B 209 5.33 -16.71 33.12
CA VAL B 209 5.76 -15.96 34.32
C VAL B 209 4.58 -15.71 35.28
N GLU B 210 3.39 -15.56 34.71
CA GLU B 210 2.18 -15.45 35.52
C GLU B 210 1.97 -16.72 36.35
N LYS B 211 2.17 -17.89 35.73
CA LYS B 211 1.92 -19.14 36.42
C LYS B 211 2.77 -19.23 37.70
N GLY B 212 4.05 -18.92 37.59
CA GLY B 212 4.97 -18.94 38.73
C GLY B 212 6.38 -19.25 38.29
N LEU B 213 7.37 -18.70 38.98
CA LEU B 213 8.79 -18.90 38.64
C LEU B 213 9.58 -19.47 39.82
N PRO B 214 10.06 -20.72 39.70
CA PRO B 214 10.92 -21.23 40.76
C PRO B 214 12.34 -20.73 40.58
N ASP B 215 13.13 -20.75 41.65
CA ASP B 215 14.53 -20.34 41.61
C ASP B 215 15.32 -21.20 40.60
N LEU B 216 16.37 -20.59 40.04
CA LEU B 216 17.11 -21.15 38.92
C LEU B 216 18.52 -21.53 39.34
N SER B 217 18.91 -22.77 39.05
CA SER B 217 20.30 -23.19 39.27
C SER B 217 21.20 -22.48 38.29
N VAL B 218 22.21 -21.80 38.82
CA VAL B 218 23.15 -21.03 38.00
C VAL B 218 24.58 -21.52 38.22
N SER B 219 24.70 -22.76 38.70
CA SER B 219 26.00 -23.34 39.07
C SER B 219 25.95 -24.86 39.13
N ARG B 220 27.05 -25.47 38.73
CA ARG B 220 27.17 -26.93 38.69
C ARG B 220 28.50 -27.36 39.33
N ALA B 221 28.54 -28.60 39.79
CA ALA B 221 29.75 -29.14 40.42
C ALA B 221 30.83 -29.36 39.35
N ARG B 222 32.07 -29.02 39.71
CA ARG B 222 33.22 -29.09 38.78
C ARG B 222 33.33 -30.43 38.06
N ALA B 223 33.00 -31.51 38.75
CA ALA B 223 33.12 -32.89 38.22
C ALA B 223 32.38 -33.11 36.90
N THR B 224 31.18 -32.56 36.78
CA THR B 224 30.37 -32.75 35.56
C THR B 224 31.10 -32.15 34.36
N LEU B 225 31.46 -30.88 34.49
CA LEU B 225 31.88 -30.07 33.34
C LEU B 225 33.28 -30.39 32.82
N HIS B 226 33.99 -31.27 33.52
CA HIS B 226 35.32 -31.71 33.09
C HIS B 226 36.23 -30.51 32.88
N ASN B 227 36.20 -29.62 33.87
CA ASN B 227 37.07 -28.43 33.89
C ASN B 227 36.85 -27.44 32.74
N TRP B 228 35.72 -27.55 32.03
CA TRP B 228 35.48 -26.73 30.82
C TRP B 228 34.31 -25.76 31.00
N ALA B 229 34.50 -24.83 31.93
CA ALA B 229 33.55 -23.75 32.19
C ALA B 229 34.23 -22.73 33.10
N ILE B 230 33.48 -21.74 33.58
CA ILE B 230 34.03 -20.70 34.45
C ILE B 230 33.83 -21.04 35.93
N PRO B 231 34.93 -21.16 36.70
CA PRO B 231 34.85 -21.26 38.15
C PRO B 231 34.04 -20.16 38.81
N VAL B 232 33.14 -20.55 39.72
CA VAL B 232 32.39 -19.60 40.53
C VAL B 232 33.40 -18.78 41.33
N PRO B 233 33.32 -17.45 41.28
CA PRO B 233 34.24 -16.64 42.07
C PRO B 233 34.21 -17.00 43.55
N GLY B 234 35.35 -17.40 44.10
CA GLY B 234 35.44 -17.74 45.52
C GLY B 234 35.01 -19.16 45.89
N ASN B 235 34.56 -19.94 44.91
CA ASN B 235 34.28 -21.35 45.16
C ASN B 235 34.68 -22.21 43.97
N PRO B 236 35.94 -22.64 43.92
CA PRO B 236 36.44 -23.44 42.81
C PRO B 236 35.89 -24.88 42.72
N ASP B 237 35.19 -25.37 43.73
CA ASP B 237 34.47 -26.64 43.59
C ASP B 237 33.29 -26.50 42.62
N HIS B 238 32.91 -25.24 42.33
CA HIS B 238 31.73 -24.95 41.52
C HIS B 238 32.03 -24.24 40.24
N CAS B 239 31.21 -24.54 39.24
CA CAS B 239 31.44 -24.07 37.88
CB CAS B 239 31.71 -25.37 37.13
C CAS B 239 30.17 -23.38 37.44
O CAS B 239 29.08 -23.87 37.69
SG CAS B 239 32.97 -25.17 35.94
AS CAS B 239 34.85 -25.16 37.08
CE1 CAS B 239 34.81 -25.28 39.07
CE2 CAS B 239 36.57 -25.06 36.09
N VAL B 240 30.32 -22.23 36.77
CA VAL B 240 29.18 -21.38 36.37
C VAL B 240 28.36 -22.00 35.24
N TYR B 241 27.04 -22.01 35.40
CA TYR B 241 26.11 -22.53 34.40
C TYR B 241 26.21 -21.76 33.08
N VAL B 242 26.48 -22.49 32.00
CA VAL B 242 26.70 -21.91 30.66
C VAL B 242 25.79 -20.76 30.29
N TRP B 243 24.51 -20.86 30.61
CA TRP B 243 23.56 -19.87 30.14
C TRP B 243 23.77 -18.53 30.75
N LEU B 244 24.07 -18.50 32.04
CA LEU B 244 24.50 -17.26 32.69
C LEU B 244 25.81 -16.76 32.05
N ASP B 245 26.72 -17.69 31.80
CA ASP B 245 27.97 -17.40 31.09
C ASP B 245 27.66 -16.88 29.70
N ALA B 246 26.69 -17.53 29.05
CA ALA B 246 26.33 -17.25 27.66
C ALA B 246 25.77 -15.86 27.53
N LEU B 247 24.73 -15.58 28.32
CA LEU B 247 24.00 -14.32 28.23
C LEU B 247 24.92 -13.14 28.50
N THR B 248 25.86 -13.32 29.41
CA THR B 248 26.76 -12.23 29.79
C THR B 248 27.50 -11.62 28.59
N ASN B 249 27.56 -12.37 27.49
CA ASN B 249 28.29 -11.91 26.31
C ASN B 249 27.81 -10.56 25.83
N TYR B 250 26.52 -10.30 25.97
CA TYR B 250 25.92 -9.07 25.51
C TYR B 250 26.53 -7.91 26.30
N LEU B 251 26.61 -8.12 27.63
CA LEU B 251 27.24 -7.14 28.51
C LEU B 251 28.73 -7.00 28.17
N THR B 252 29.43 -8.12 28.09
CA THR B 252 30.85 -8.13 27.68
C THR B 252 31.02 -7.30 26.42
N GLY B 253 30.28 -7.67 25.37
CA GLY B 253 30.34 -6.98 24.10
C GLY B 253 30.11 -5.49 24.22
N SER B 254 29.19 -5.11 25.10
CA SER B 254 28.84 -3.70 25.26
C SER B 254 29.99 -2.89 25.81
N ARG B 255 30.95 -3.57 26.42
CA ARG B 255 32.09 -2.93 27.07
C ARG B 255 33.43 -3.13 26.36
N LEU B 256 33.46 -3.85 25.24
CA LEU B 256 34.73 -4.12 24.55
C LEU B 256 35.06 -3.05 23.52
N ARG B 257 36.30 -2.55 23.57
CA ARG B 257 36.80 -1.62 22.55
C ARG B 257 37.47 -2.42 21.43
N VAL B 258 36.79 -2.51 20.29
CA VAL B 258 37.31 -3.28 19.15
C VAL B 258 38.13 -2.36 18.25
N ASP B 259 39.19 -2.90 17.65
CA ASP B 259 40.06 -2.13 16.75
C ASP B 259 39.59 -2.24 15.28
N GLU B 260 40.25 -1.50 14.41
CA GLU B 260 40.01 -1.52 12.96
C GLU B 260 39.91 -2.93 12.34
N SER B 261 40.67 -3.89 12.90
CA SER B 261 40.76 -5.26 12.37
C SER B 261 39.81 -6.26 13.03
N GLY B 262 38.88 -5.76 13.84
CA GLY B 262 37.92 -6.63 14.51
C GLY B 262 38.44 -7.37 15.75
N LYS B 263 39.68 -7.10 16.15
CA LYS B 263 40.25 -7.69 17.36
C LYS B 263 39.96 -6.83 18.60
N GLU B 264 39.46 -7.44 19.66
CA GLU B 264 39.21 -6.75 20.93
C GLU B 264 40.54 -6.35 21.57
N VAL B 265 40.58 -5.18 22.20
CA VAL B 265 41.83 -4.67 22.78
C VAL B 265 41.70 -4.15 24.21
N SER B 266 40.51 -3.73 24.62
CA SER B 266 40.30 -3.17 25.96
C SER B 266 38.88 -3.48 26.47
N LEU B 267 38.76 -3.72 27.77
CA LEU B 267 37.44 -3.92 28.38
C LEU B 267 37.13 -2.75 29.30
N VAL B 268 36.25 -1.87 28.88
CA VAL B 268 35.89 -0.70 29.67
C VAL B 268 35.26 -1.11 31.02
N ASP B 269 35.52 -0.31 32.06
CA ASP B 269 34.94 -0.53 33.38
C ASP B 269 33.42 -0.37 33.42
N ASP B 270 32.97 0.78 32.94
CA ASP B 270 31.56 1.21 32.99
C ASP B 270 30.85 1.01 31.64
N PHE B 271 29.70 0.33 31.63
CA PHE B 271 28.98 0.11 30.36
C PHE B 271 28.65 1.42 29.62
N ASN B 272 28.33 2.47 30.38
CA ASN B 272 27.97 3.76 29.82
C ASN B 272 29.08 4.44 29.02
N GLU B 273 30.31 4.02 29.22
CA GLU B 273 31.44 4.61 28.51
C GLU B 273 31.25 4.50 26.99
N LEU B 274 30.69 3.37 26.54
CA LEU B 274 30.56 3.07 25.10
C LEU B 274 29.14 3.24 24.54
N GLU B 275 28.14 3.37 25.42
CA GLU B 275 26.75 3.71 25.04
C GLU B 275 26.04 2.61 24.24
N ARG B 276 26.28 1.36 24.60
CA ARG B 276 25.66 0.25 23.88
C ARG B 276 24.61 -0.44 24.73
N PHE B 277 24.98 -0.76 25.96
CA PHE B 277 24.09 -1.49 26.85
C PHE B 277 22.98 -0.56 27.32
N PRO B 278 21.72 -1.08 27.38
CA PRO B 278 21.30 -2.44 27.03
C PRO B 278 20.93 -2.60 25.55
N ALA B 279 20.98 -3.83 25.07
CA ALA B 279 20.71 -4.11 23.66
C ALA B 279 19.34 -3.55 23.30
N ASP B 280 19.26 -2.79 22.23
CA ASP B 280 17.97 -2.29 21.77
C ASP B 280 17.17 -3.42 21.12
N VAL B 281 17.88 -4.37 20.52
CA VAL B 281 17.27 -5.53 19.91
C VAL B 281 18.15 -6.77 20.12
N HIS B 282 17.58 -7.80 20.73
CA HIS B 282 18.18 -9.11 20.84
C HIS B 282 17.50 -10.02 19.85
N VAL B 283 18.18 -10.37 18.75
CA VAL B 283 17.65 -11.40 17.85
C VAL B 283 17.94 -12.75 18.47
N ILE B 284 16.90 -13.58 18.57
CA ILE B 284 17.02 -14.97 18.99
C ILE B 284 16.03 -15.81 18.21
N GLY B 285 16.18 -17.13 18.34
CA GLY B 285 15.19 -18.09 17.87
C GLY B 285 14.18 -18.32 18.97
N LYS B 286 13.12 -19.06 18.67
CA LYS B 286 12.04 -19.28 19.64
C LYS B 286 12.48 -20.21 20.77
N ASP B 287 13.27 -21.23 20.42
CA ASP B 287 13.77 -22.22 21.38
C ASP B 287 14.47 -21.63 22.61
N ILE B 288 15.03 -20.42 22.47
CA ILE B 288 15.78 -19.83 23.57
C ILE B 288 15.12 -18.55 24.13
N LEU B 289 13.78 -18.53 24.13
CA LEU B 289 13.04 -17.35 24.60
C LEU B 289 13.10 -17.25 26.12
N LYS B 290 12.80 -18.33 26.82
CA LYS B 290 12.78 -18.27 28.28
C LYS B 290 14.07 -17.65 28.83
N PHE B 291 15.21 -18.00 28.23
CA PHE B 291 16.51 -17.52 28.72
C PHE B 291 16.66 -16.02 28.56
N HIS B 292 16.03 -15.48 27.51
CA HIS B 292 16.15 -14.07 27.16
C HIS B 292 15.05 -13.19 27.70
N ALA B 293 13.87 -13.77 27.93
CA ALA B 293 12.72 -13.01 28.42
C ALA B 293 12.36 -13.26 29.89
N ILE B 294 12.90 -14.31 30.51
CA ILE B 294 12.66 -14.53 31.93
C ILE B 294 13.95 -14.39 32.71
N TYR B 295 14.98 -15.14 32.36
CA TYR B 295 16.20 -15.13 33.16
C TYR B 295 17.05 -13.88 32.91
N TRP B 296 17.34 -13.60 31.64
CA TRP B 296 18.20 -12.47 31.29
C TRP B 296 17.78 -11.15 31.91
N PRO B 297 16.46 -10.87 31.94
CA PRO B 297 16.02 -9.66 32.62
C PRO B 297 16.11 -9.74 34.15
N ALA B 298 15.80 -10.92 34.69
CA ALA B 298 15.82 -11.17 36.13
C ALA B 298 17.24 -10.94 36.66
N PHE B 299 18.24 -11.45 35.94
CA PHE B 299 19.63 -11.18 36.28
C PHE B 299 19.93 -9.69 36.22
N LEU B 300 19.51 -9.04 35.13
CA LEU B 300 19.80 -7.62 34.95
C LEU B 300 19.15 -6.75 36.02
N LEU B 301 17.99 -7.18 36.51
CA LEU B 301 17.30 -6.44 37.55
C LEU B 301 18.06 -6.53 38.86
N SER B 302 18.50 -7.74 39.19
CA SER B 302 19.32 -7.98 40.38
C SER B 302 20.58 -7.13 40.39
N ALA B 303 21.41 -7.26 39.37
CA ALA B 303 22.67 -6.49 39.28
C ALA B 303 22.45 -4.98 39.16
N GLY B 304 21.20 -4.56 39.05
CA GLY B 304 20.87 -3.15 38.97
C GLY B 304 21.31 -2.59 37.64
N LEU B 305 21.02 -3.34 36.57
CA LEU B 305 21.42 -3.00 35.20
C LEU B 305 20.18 -2.71 34.34
N PRO B 306 20.28 -1.75 33.38
CA PRO B 306 19.10 -1.46 32.55
C PRO B 306 18.70 -2.66 31.73
N LEU B 307 17.41 -2.78 31.42
CA LEU B 307 16.92 -3.96 30.70
C LEU B 307 16.78 -3.66 29.20
N PRO B 308 16.89 -4.70 28.35
CA PRO B 308 16.88 -4.49 26.91
C PRO B 308 15.55 -3.92 26.43
N LYS B 309 15.56 -3.25 25.29
CA LYS B 309 14.35 -2.62 24.77
C LYS B 309 13.41 -3.63 24.12
N LYS B 310 13.96 -4.49 23.24
CA LYS B 310 13.17 -5.43 22.47
C LYS B 310 13.88 -6.75 22.32
N ILE B 311 13.11 -7.83 22.40
CA ILE B 311 13.57 -9.18 22.10
C ILE B 311 12.78 -9.71 20.90
N VAL B 312 13.45 -10.27 19.89
CA VAL B 312 12.77 -10.84 18.70
C VAL B 312 13.02 -12.35 18.57
N ALA B 313 11.96 -13.13 18.77
CA ALA B 313 12.05 -14.58 18.73
C ALA B 313 11.33 -15.07 17.49
N HIS B 314 12.04 -15.77 16.61
CA HIS B 314 11.49 -16.17 15.30
C HIS B 314 11.36 -17.66 15.14
N GLY B 315 10.78 -18.10 14.02
CA GLY B 315 10.58 -19.52 13.76
C GLY B 315 11.81 -20.29 13.29
N TRP B 316 11.63 -21.59 13.12
CA TRP B 316 12.68 -22.49 12.64
C TRP B 316 12.47 -22.77 11.18
N TRP B 317 13.55 -22.84 10.42
CA TRP B 317 13.49 -23.07 8.98
C TRP B 317 13.47 -24.53 8.64
N THR B 318 12.54 -24.92 7.77
CA THR B 318 12.51 -26.26 7.16
C THR B 318 12.85 -26.11 5.67
N LYS B 319 13.40 -27.15 5.06
CA LYS B 319 13.56 -27.21 3.59
C LYS B 319 12.68 -28.30 3.02
N ASP B 320 11.89 -27.94 2.01
CA ASP B 320 10.97 -28.87 1.34
C ASP B 320 10.11 -29.65 2.36
N ARG B 321 9.57 -28.90 3.33
CA ARG B 321 8.69 -29.44 4.39
C ARG B 321 9.33 -30.59 5.20
N LYS B 322 10.61 -30.45 5.53
CA LYS B 322 11.34 -31.43 6.33
C LYS B 322 12.41 -30.75 7.19
N LYS B 323 12.79 -31.42 8.28
CA LYS B 323 13.90 -30.95 9.12
C LYS B 323 15.22 -31.01 8.34
N ILE B 324 16.29 -30.46 8.91
CA ILE B 324 17.62 -30.51 8.26
C ILE B 324 18.39 -31.74 8.76
N SER B 325 19.10 -32.40 7.85
CA SER B 325 19.71 -33.74 8.09
C SER B 325 20.77 -33.77 9.20
N LYS B 326 20.39 -34.29 10.38
CA LYS B 326 21.31 -34.41 11.51
C LYS B 326 22.30 -35.55 11.29
N ASN B 330 18.60 -34.53 3.78
CA ASN B 330 18.17 -33.21 3.32
C ASN B 330 18.76 -32.07 4.16
N VAL B 331 19.97 -31.63 3.79
CA VAL B 331 20.60 -30.46 4.42
C VAL B 331 20.30 -29.23 3.58
N PHE B 332 20.78 -28.08 4.05
CA PHE B 332 20.63 -26.84 3.33
C PHE B 332 21.83 -25.96 3.63
N ASP B 333 22.91 -26.13 2.85
CA ASP B 333 24.12 -25.32 3.02
C ASP B 333 23.86 -23.94 2.43
N PRO B 334 23.98 -22.89 3.25
CA PRO B 334 23.62 -21.55 2.79
C PRO B 334 24.62 -20.95 1.80
N VAL B 335 25.92 -21.14 2.05
CA VAL B 335 26.94 -20.60 1.16
C VAL B 335 26.78 -21.26 -0.21
N GLU B 336 26.35 -22.52 -0.20
CA GLU B 336 26.13 -23.29 -1.43
C GLU B 336 25.08 -22.61 -2.32
N LYS B 337 23.93 -22.26 -1.73
CA LYS B 337 22.84 -21.64 -2.47
C LYS B 337 23.12 -20.18 -2.79
N ALA B 338 23.82 -19.51 -1.88
CA ALA B 338 24.25 -18.13 -2.11
C ALA B 338 25.06 -18.06 -3.40
N GLU B 339 25.97 -19.01 -3.56
CA GLU B 339 26.82 -19.08 -4.76
C GLU B 339 26.01 -19.41 -6.02
N GLU B 340 25.00 -20.25 -5.87
CA GLU B 340 24.17 -20.65 -6.99
C GLU B 340 23.25 -19.54 -7.48
N PHE B 341 22.60 -18.84 -6.54
CA PHE B 341 21.55 -17.86 -6.86
C PHE B 341 21.92 -16.40 -6.69
N GLY B 342 22.98 -16.13 -5.94
CA GLY B 342 23.39 -14.76 -5.61
C GLY B 342 23.21 -14.52 -4.12
N TYR B 343 24.12 -13.74 -3.53
CA TYR B 343 24.11 -13.56 -2.09
C TYR B 343 22.93 -12.70 -1.63
N ASP B 344 22.77 -11.51 -2.20
CA ASP B 344 21.63 -10.65 -1.87
C ASP B 344 20.30 -11.39 -2.08
N ALA B 345 20.20 -12.16 -3.16
CA ALA B 345 19.00 -12.91 -3.47
C ALA B 345 18.61 -13.89 -2.37
N LEU B 346 19.57 -14.70 -1.91
CA LEU B 346 19.29 -15.65 -0.83
C LEU B 346 18.86 -14.91 0.43
N LYS B 347 19.57 -13.85 0.76
CA LYS B 347 19.21 -12.98 1.86
C LYS B 347 17.76 -12.49 1.71
N TYR B 348 17.44 -11.94 0.54
CA TYR B 348 16.10 -11.40 0.27
C TYR B 348 15.01 -12.46 0.48
N PHE B 349 15.20 -13.64 -0.09
CA PHE B 349 14.25 -14.72 0.13
C PHE B 349 13.97 -14.89 1.62
N LEU B 350 15.04 -15.13 2.39
CA LEU B 350 14.93 -15.46 3.82
C LEU B 350 14.19 -14.39 4.65
N LEU B 351 14.46 -13.13 4.36
CA LEU B 351 13.81 -12.02 5.04
C LEU B 351 12.36 -11.83 4.56
N ARG B 352 12.09 -12.18 3.30
CA ARG B 352 10.78 -11.93 2.64
C ARG B 352 9.79 -13.09 2.76
N GLU B 353 10.25 -14.31 2.48
CA GLU B 353 9.39 -15.49 2.53
C GLU B 353 8.64 -15.61 3.86
N SER B 354 9.30 -15.31 4.98
CA SER B 354 8.68 -15.49 6.29
C SER B 354 8.95 -14.31 7.20
N GLY B 355 7.91 -13.87 7.91
CA GLY B 355 8.06 -13.00 9.07
C GLY B 355 8.41 -13.86 10.27
N PHE B 356 8.64 -13.21 11.41
CA PHE B 356 9.15 -13.91 12.60
C PHE B 356 8.08 -14.75 13.32
N SER B 357 6.82 -14.63 12.91
CA SER B 357 5.76 -15.49 13.42
C SER B 357 5.79 -16.89 12.79
N ASP B 358 6.39 -16.97 11.60
CA ASP B 358 6.27 -18.14 10.74
C ASP B 358 7.49 -19.06 10.80
N ASP B 359 7.24 -20.36 10.63
CA ASP B 359 8.29 -21.33 10.37
C ASP B 359 8.52 -21.39 8.87
N GLY B 360 9.55 -20.70 8.39
CA GLY B 360 9.89 -20.69 6.97
C GLY B 360 10.17 -22.07 6.38
N ASP B 361 9.75 -22.25 5.12
CA ASP B 361 10.02 -23.48 4.39
C ASP B 361 10.79 -23.08 3.14
N TYR B 362 11.99 -23.62 2.98
CA TYR B 362 12.79 -23.33 1.80
C TYR B 362 12.42 -24.25 0.65
N SER B 363 12.47 -23.70 -0.55
CA SER B 363 12.31 -24.44 -1.78
C SER B 363 12.99 -23.66 -2.89
N ASP B 364 13.93 -24.30 -3.58
CA ASP B 364 14.59 -23.71 -4.74
C ASP B 364 13.54 -23.08 -5.65
N LYS B 365 12.47 -23.84 -5.90
CA LYS B 365 11.34 -23.36 -6.69
C LYS B 365 10.86 -22.03 -6.14
N ASN B 366 10.50 -22.01 -4.86
CA ASN B 366 9.94 -20.80 -4.24
C ASN B 366 10.90 -19.63 -4.28
N MET B 367 12.20 -19.90 -4.26
CA MET B 367 13.19 -18.83 -4.39
C MET B 367 13.19 -18.25 -5.80
N ILE B 368 13.35 -19.12 -6.79
CA ILE B 368 13.32 -18.69 -8.20
C ILE B 368 12.10 -17.80 -8.40
N ALA B 369 10.95 -18.26 -7.93
CA ALA B 369 9.71 -17.50 -7.98
C ALA B 369 9.96 -16.03 -7.65
N ARG B 370 10.53 -15.79 -6.48
CA ARG B 370 10.74 -14.42 -6.01
C ARG B 370 11.90 -13.71 -6.71
N LEU B 371 12.98 -14.45 -7.00
CA LEU B 371 14.08 -13.89 -7.74
C LEU B 371 13.57 -13.39 -9.10
N ASN B 372 12.78 -14.22 -9.76
CA ASN B 372 12.26 -13.87 -11.07
C ASN B 372 11.23 -12.74 -10.97
N GLY B 373 10.17 -12.99 -10.21
CA GLY B 373 8.99 -12.12 -10.18
C GLY B 373 9.14 -10.76 -9.51
N GLU B 374 10.10 -10.61 -8.60
CA GLU B 374 10.22 -9.40 -7.80
C GLU B 374 11.54 -8.71 -8.01
N LEU B 375 12.64 -9.41 -7.73
CA LEU B 375 13.96 -8.81 -7.87
C LEU B 375 14.31 -8.51 -9.33
N ALA B 376 13.89 -9.39 -10.23
CA ALA B 376 14.13 -9.22 -11.67
C ALA B 376 12.97 -8.49 -12.35
N ASP B 377 11.79 -9.14 -12.35
CA ASP B 377 10.64 -8.62 -13.07
C ASP B 377 10.06 -7.31 -12.53
N THR B 378 10.24 -7.00 -11.25
CA THR B 378 9.73 -5.73 -10.69
C THR B 378 10.84 -4.69 -10.54
N LEU B 379 11.83 -5.02 -9.71
CA LEU B 379 12.93 -4.11 -9.42
C LEU B 379 13.90 -3.97 -10.58
N GLY B 380 14.29 -5.11 -11.15
CA GLY B 380 15.31 -5.16 -12.18
C GLY B 380 15.02 -4.29 -13.39
N ASN B 381 13.92 -4.58 -14.06
CA ASN B 381 13.56 -3.83 -15.27
C ASN B 381 13.34 -2.34 -15.00
N LEU B 382 12.77 -2.00 -13.84
CA LEU B 382 12.47 -0.59 -13.52
C LEU B 382 13.75 0.23 -13.43
N VAL B 383 14.77 -0.37 -12.85
CA VAL B 383 16.08 0.25 -12.80
C VAL B 383 16.67 0.33 -14.20
N MET B 384 16.43 -0.70 -15.01
CA MET B 384 16.90 -0.69 -16.38
C MET B 384 16.09 0.29 -17.24
N ARG B 385 14.80 0.44 -16.93
CA ARG B 385 13.92 1.29 -17.72
C ARG B 385 14.29 2.76 -17.65
N CYS B 386 14.57 3.25 -16.45
CA CYS B 386 14.88 4.66 -16.26
C CYS B 386 16.33 5.02 -16.62
N THR B 387 17.17 4.01 -16.81
CA THR B 387 18.58 4.23 -17.14
C THR B 387 18.90 4.08 -18.63
N SER B 388 18.02 3.44 -19.39
CA SER B 388 18.21 3.22 -20.83
C SER B 388 18.26 4.52 -21.64
N ALA B 389 19.14 4.57 -22.62
CA ALA B 389 19.32 5.78 -23.44
C ALA B 389 18.12 6.08 -24.36
N LYS B 390 17.29 5.08 -24.64
CA LYS B 390 16.08 5.26 -25.47
C LYS B 390 15.13 6.26 -24.80
N ILE B 391 14.92 6.10 -23.49
CA ILE B 391 14.08 7.00 -22.68
C ILE B 391 14.87 8.19 -22.12
N ASN B 392 16.15 7.96 -21.84
CA ASN B 392 17.00 8.91 -21.12
C ASN B 392 18.17 9.35 -21.99
N VAL B 393 17.87 10.25 -22.94
CA VAL B 393 18.82 10.59 -24.00
C VAL B 393 20.08 11.31 -23.51
N ASN B 394 19.92 12.28 -22.61
CA ASN B 394 21.07 13.06 -22.12
C ASN B 394 21.80 12.40 -20.96
N GLY B 395 21.36 11.20 -20.58
CA GLY B 395 22.03 10.41 -19.56
C GLY B 395 22.30 11.19 -18.28
N GLU B 396 21.25 11.85 -17.77
CA GLU B 396 21.35 12.59 -16.52
C GLU B 396 20.01 12.67 -15.79
N TRP B 397 19.96 13.44 -14.70
CA TRP B 397 18.74 13.67 -13.95
C TRP B 397 18.16 14.98 -14.42
N PRO B 398 16.96 14.95 -15.04
CA PRO B 398 16.37 16.15 -15.62
C PRO B 398 15.67 17.07 -14.61
N SER B 399 15.49 18.34 -14.99
CA SER B 399 14.76 19.30 -14.16
C SER B 399 13.27 19.13 -14.41
N PRO B 400 12.51 18.65 -13.40
CA PRO B 400 11.08 18.45 -13.63
C PRO B 400 10.35 19.74 -13.92
N ALA B 401 9.18 19.64 -14.54
CA ALA B 401 8.34 20.80 -14.86
C ALA B 401 7.12 20.85 -13.90
N ALA B 402 5.97 21.27 -14.42
CA ALA B 402 4.72 21.21 -13.68
C ALA B 402 4.40 19.76 -13.27
N TYR B 403 3.68 19.59 -12.16
CA TYR B 403 3.34 18.27 -11.66
C TYR B 403 1.85 18.00 -11.71
N THR B 404 1.44 16.97 -12.44
CA THR B 404 0.04 16.53 -12.47
C THR B 404 -0.43 16.00 -11.12
N GLU B 405 -1.74 15.93 -10.93
CA GLU B 405 -2.31 15.23 -9.76
C GLU B 405 -1.91 13.76 -9.73
N GLU B 406 -1.71 13.13 -10.89
CA GLU B 406 -1.14 11.79 -10.92
C GLU B 406 0.34 11.78 -10.51
N ASP B 407 1.10 12.79 -10.95
CA ASP B 407 2.49 12.97 -10.49
C ASP B 407 2.50 13.08 -8.96
N GLU B 408 1.82 14.09 -8.44
CA GLU B 408 1.66 14.25 -7.00
C GLU B 408 1.16 12.97 -6.28
N SER B 409 0.38 12.14 -6.98
CA SER B 409 -0.13 10.87 -6.42
C SER B 409 0.97 9.87 -6.12
N LEU B 410 1.91 9.74 -7.07
CA LEU B 410 3.08 8.89 -6.91
C LEU B 410 4.04 9.48 -5.89
N ILE B 411 4.35 10.77 -6.02
CA ILE B 411 5.27 11.44 -5.09
C ILE B 411 4.83 11.22 -3.63
N GLN B 412 3.52 11.20 -3.39
CA GLN B 412 2.99 10.98 -2.05
C GLN B 412 3.34 9.59 -1.52
N LEU B 413 3.16 8.57 -2.36
CA LEU B 413 3.57 7.21 -2.00
C LEU B 413 5.06 7.15 -1.66
N ILE B 414 5.86 7.92 -2.39
CA ILE B 414 7.31 8.02 -2.15
C ILE B 414 7.62 8.79 -0.86
N LYS B 415 7.08 9.99 -0.73
CA LYS B 415 7.26 10.77 0.50
C LYS B 415 6.88 9.97 1.74
N ASP B 416 5.76 9.27 1.68
CA ASP B 416 5.24 8.51 2.83
C ASP B 416 6.08 7.30 3.20
N LEU B 417 6.79 6.74 2.22
CA LEU B 417 7.47 5.45 2.40
C LEU B 417 8.48 5.38 3.56
N PRO B 418 9.48 6.28 3.61
CA PRO B 418 10.51 6.10 4.63
C PRO B 418 9.93 6.04 6.02
N GLY B 419 8.81 6.72 6.23
CA GLY B 419 8.11 6.67 7.50
C GLY B 419 7.58 5.28 7.80
N THR B 420 7.01 4.61 6.81
CA THR B 420 6.40 3.30 7.01
C THR B 420 7.48 2.24 7.18
N ALA B 421 8.54 2.38 6.39
CA ALA B 421 9.67 1.48 6.47
C ALA B 421 10.28 1.62 7.85
N ASP B 422 10.52 2.86 8.27
CA ASP B 422 11.14 3.10 9.56
C ASP B 422 10.39 2.37 10.67
N HIS B 423 9.06 2.45 10.64
CA HIS B 423 8.24 1.80 11.67
C HIS B 423 8.32 0.30 11.61
N TYR B 424 8.31 -0.24 10.41
CA TYR B 424 8.42 -1.69 10.24
C TYR B 424 9.80 -2.19 10.61
N TYR B 425 10.83 -1.41 10.35
CA TYR B 425 12.16 -1.77 10.78
C TYR B 425 12.28 -1.78 12.29
N LEU B 426 11.62 -0.84 12.98
CA LEU B 426 11.76 -0.74 14.44
C LEU B 426 10.95 -1.75 15.26
N ILE B 427 9.87 -2.29 14.70
CA ILE B 427 9.02 -3.25 15.43
C ILE B 427 9.79 -4.39 16.07
N PRO B 428 10.67 -5.04 15.30
CA PRO B 428 10.89 -5.00 13.84
C PRO B 428 10.12 -6.08 13.07
N ASP B 429 9.63 -5.74 11.87
CA ASP B 429 9.04 -6.72 10.95
C ASP B 429 9.59 -6.47 9.55
N ILE B 430 10.76 -7.04 9.30
CA ILE B 430 11.50 -6.81 8.06
C ILE B 430 10.66 -7.19 6.83
N GLN B 431 9.96 -8.32 6.92
CA GLN B 431 9.04 -8.74 5.86
C GLN B 431 8.15 -7.60 5.40
N LYS B 432 7.41 -7.01 6.34
CA LYS B 432 6.53 -5.90 6.02
C LYS B 432 7.31 -4.72 5.45
N ALA B 433 8.52 -4.50 5.94
CA ALA B 433 9.34 -3.37 5.52
C ALA B 433 9.69 -3.48 4.04
N ILE B 434 10.04 -4.69 3.63
CA ILE B 434 10.29 -4.99 2.22
C ILE B 434 9.02 -4.77 1.42
N ILE B 435 7.93 -5.41 1.83
CA ILE B 435 6.64 -5.30 1.12
C ILE B 435 6.26 -3.84 0.84
N ALA B 436 6.27 -3.01 1.87
CA ALA B 436 6.00 -1.58 1.72
C ALA B 436 6.78 -0.99 0.57
N VAL B 437 8.09 -1.25 0.54
CA VAL B 437 8.94 -0.72 -0.51
C VAL B 437 8.51 -1.27 -1.87
N PHE B 438 8.23 -2.57 -1.94
CA PHE B 438 7.84 -3.16 -3.22
C PHE B 438 6.48 -2.65 -3.71
N ASP B 439 5.55 -2.48 -2.77
CA ASP B 439 4.26 -1.84 -3.06
C ASP B 439 4.52 -0.58 -3.86
N VAL B 440 5.46 0.23 -3.38
CA VAL B 440 5.78 1.49 -4.02
C VAL B 440 6.47 1.27 -5.37
N LEU B 441 7.39 0.31 -5.46
CA LEU B 441 8.05 0.00 -6.73
C LEU B 441 7.00 -0.33 -7.80
N ARG B 442 6.14 -1.28 -7.50
CA ARG B 442 5.00 -1.62 -8.36
C ARG B 442 4.20 -0.38 -8.80
N ALA B 443 4.02 0.56 -7.88
CA ALA B 443 3.37 1.84 -8.18
C ALA B 443 4.12 2.60 -9.25
N ILE B 444 5.45 2.60 -9.15
CA ILE B 444 6.30 3.38 -10.03
C ILE B 444 6.27 2.85 -11.46
N ASN B 445 6.24 1.53 -11.62
CA ASN B 445 6.10 0.92 -12.95
C ASN B 445 4.78 1.33 -13.61
N ALA B 446 3.70 1.15 -12.85
CA ALA B 446 2.35 1.46 -13.31
C ALA B 446 2.32 2.91 -13.75
N TYR B 447 2.89 3.79 -12.93
CA TYR B 447 3.06 5.20 -13.32
C TYR B 447 3.76 5.29 -14.66
N VAL B 448 4.95 4.71 -14.75
CA VAL B 448 5.75 4.78 -15.98
C VAL B 448 5.05 4.13 -17.16
N THR B 449 4.32 3.05 -16.91
CA THR B 449 3.53 2.43 -17.96
C THR B 449 2.53 3.44 -18.52
N ASP B 450 1.68 3.95 -17.64
CA ASP B 450 0.66 4.92 -18.01
C ASP B 450 1.30 6.13 -18.68
N MET B 451 2.41 6.62 -18.14
CA MET B 451 3.07 7.77 -18.73
C MET B 451 3.69 7.45 -20.08
N ALA B 452 4.08 6.20 -20.27
CA ALA B 452 4.63 5.75 -21.55
C ALA B 452 5.70 6.71 -22.08
N PRO B 453 6.81 6.85 -21.35
CA PRO B 453 7.82 7.87 -21.63
C PRO B 453 8.61 7.61 -22.90
N TRP B 454 8.65 6.35 -23.33
CA TRP B 454 9.33 6.00 -24.57
C TRP B 454 8.73 6.71 -25.74
N LYS B 455 7.41 6.95 -25.69
CA LYS B 455 6.74 7.77 -26.69
C LYS B 455 6.97 9.25 -26.44
N LEU B 456 6.98 9.65 -25.17
CA LEU B 456 7.12 11.06 -24.77
C LEU B 456 8.43 11.70 -25.23
N VAL B 457 9.47 10.90 -25.39
CA VAL B 457 10.75 11.42 -25.90
C VAL B 457 10.55 12.13 -27.25
N LYS B 458 9.77 11.53 -28.13
CA LYS B 458 9.48 12.11 -29.46
C LYS B 458 8.33 13.11 -29.41
N THR B 459 7.28 12.81 -28.63
CA THR B 459 6.08 13.66 -28.55
C THR B 459 6.31 14.91 -27.72
N ASP B 460 6.68 14.70 -26.45
CA ASP B 460 6.61 15.73 -25.43
C ASP B 460 7.87 15.71 -24.55
N PRO B 461 8.93 16.46 -24.96
CA PRO B 461 10.16 16.53 -24.14
C PRO B 461 9.93 17.18 -22.78
N GLU B 462 9.27 18.34 -22.77
CA GLU B 462 9.04 19.09 -21.54
C GLU B 462 8.38 18.21 -20.48
N ARG B 463 7.51 17.30 -20.91
CA ARG B 463 6.82 16.38 -20.01
C ARG B 463 7.73 15.27 -19.50
N LEU B 464 8.40 14.58 -20.41
CA LEU B 464 9.35 13.52 -20.04
C LEU B 464 10.18 13.91 -18.81
N ARG B 465 10.79 15.09 -18.86
CA ARG B 465 11.64 15.56 -17.78
C ARG B 465 11.00 15.32 -16.42
N THR B 466 9.76 15.76 -16.25
CA THR B 466 9.02 15.55 -15.02
C THR B 466 8.92 14.06 -14.70
N VAL B 467 8.36 13.32 -15.65
CA VAL B 467 8.10 11.88 -15.48
C VAL B 467 9.38 11.16 -15.07
N LEU B 468 10.46 11.43 -15.80
CA LEU B 468 11.76 10.79 -15.53
C LEU B 468 12.29 11.13 -14.14
N TYR B 469 12.20 12.39 -13.76
CA TYR B 469 12.73 12.79 -12.47
C TYR B 469 12.03 12.02 -11.35
N ILE B 470 10.70 12.01 -11.40
CA ILE B 470 9.92 11.33 -10.38
C ILE B 470 10.31 9.86 -10.32
N THR B 471 10.46 9.22 -11.46
CA THR B 471 10.86 7.81 -11.50
C THR B 471 12.23 7.58 -10.86
N LEU B 472 13.24 8.31 -11.32
CA LEU B 472 14.60 8.15 -10.80
C LEU B 472 14.66 8.37 -9.29
N GLU B 473 14.02 9.43 -8.82
CA GLU B 473 13.98 9.73 -7.39
C GLU B 473 13.20 8.64 -6.62
N GLY B 474 12.16 8.11 -7.25
CA GLY B 474 11.41 6.99 -6.70
C GLY B 474 12.31 5.77 -6.55
N VAL B 475 13.06 5.46 -7.59
CA VAL B 475 13.99 4.33 -7.53
C VAL B 475 15.03 4.52 -6.43
N ARG B 476 15.46 5.75 -6.24
CA ARG B 476 16.50 6.04 -5.27
C ARG B 476 16.01 5.77 -3.86
N VAL B 477 14.85 6.33 -3.52
CA VAL B 477 14.29 6.19 -2.17
C VAL B 477 13.95 4.73 -1.83
N THR B 478 13.44 3.96 -2.78
CA THR B 478 13.11 2.56 -2.52
C THR B 478 14.38 1.73 -2.37
N THR B 479 15.34 1.93 -3.27
CA THR B 479 16.67 1.28 -3.18
C THR B 479 17.32 1.58 -1.84
N LEU B 480 17.38 2.87 -1.51
CA LEU B 480 17.97 3.32 -0.24
C LEU B 480 17.42 2.54 0.94
N LEU B 481 16.09 2.52 1.06
CA LEU B 481 15.45 1.77 2.15
C LEU B 481 15.61 0.26 2.01
N LEU B 482 15.95 -0.23 0.82
CA LEU B 482 16.30 -1.64 0.65
C LEU B 482 17.79 -1.95 0.85
N SER B 483 18.61 -0.91 0.99
CA SER B 483 20.06 -1.09 1.24
C SER B 483 20.38 -2.13 2.30
N PRO B 484 19.58 -2.23 3.35
CA PRO B 484 19.86 -3.26 4.34
C PRO B 484 19.58 -4.69 3.88
N ILE B 485 18.64 -4.85 2.95
CA ILE B 485 18.28 -6.18 2.47
C ILE B 485 19.22 -6.61 1.34
N LEU B 486 19.47 -5.69 0.41
CA LEU B 486 20.26 -5.98 -0.78
C LEU B 486 21.50 -5.07 -0.81
N PRO B 487 22.44 -5.28 0.13
CA PRO B 487 23.53 -4.35 0.35
C PRO B 487 24.52 -4.25 -0.79
N ARG B 488 24.60 -5.30 -1.61
CA ARG B 488 25.52 -5.34 -2.73
C ARG B 488 24.87 -4.91 -4.04
N LYS B 489 23.66 -5.38 -4.28
CA LYS B 489 22.92 -5.01 -5.48
C LYS B 489 22.44 -3.55 -5.43
N SER B 490 22.15 -3.07 -4.22
CA SER B 490 21.72 -1.68 -4.03
C SER B 490 22.83 -0.69 -4.39
N VAL B 491 24.07 -1.12 -4.24
CA VAL B 491 25.21 -0.27 -4.59
C VAL B 491 25.39 -0.23 -6.13
N VAL B 492 25.07 -1.32 -6.82
CA VAL B 492 25.05 -1.29 -8.29
C VAL B 492 23.91 -0.38 -8.75
N ILE B 493 22.73 -0.50 -8.12
CA ILE B 493 21.56 0.28 -8.53
C ILE B 493 21.84 1.77 -8.44
N PHE B 494 22.50 2.20 -7.37
CA PHE B 494 22.91 3.60 -7.27
C PHE B 494 23.92 3.92 -8.38
N ASP B 495 24.95 3.09 -8.49
CA ASP B 495 26.03 3.31 -9.46
C ASP B 495 25.49 3.63 -10.85
N MET B 496 24.54 2.84 -11.32
CA MET B 496 23.91 3.09 -12.61
C MET B 496 23.29 4.47 -12.61
N LEU B 497 22.56 4.78 -11.54
CA LEU B 497 21.86 6.06 -11.41
C LEU B 497 22.75 7.27 -11.21
N GLY B 498 24.02 7.05 -10.84
CA GLY B 498 24.94 8.14 -10.59
C GLY B 498 24.64 8.90 -9.30
N VAL B 499 23.96 8.24 -8.35
CA VAL B 499 23.64 8.82 -7.06
C VAL B 499 24.92 9.04 -6.25
N PRO B 500 25.30 10.31 -6.02
CA PRO B 500 26.54 10.54 -5.27
C PRO B 500 26.55 9.83 -3.92
N GLU B 501 27.75 9.47 -3.46
CA GLU B 501 27.95 8.75 -2.20
C GLU B 501 27.31 9.46 -1.01
N VAL B 502 27.29 10.78 -1.06
CA VAL B 502 26.67 11.62 -0.01
C VAL B 502 25.14 11.43 0.08
N HIS B 503 24.49 10.97 -0.99
CA HIS B 503 23.03 10.80 -0.99
C HIS B 503 22.55 9.37 -0.90
N ARG B 504 23.44 8.45 -0.52
CA ARG B 504 23.08 7.02 -0.44
C ARG B 504 22.79 6.56 0.99
N LYS B 505 22.88 7.49 1.93
CA LYS B 505 22.93 7.19 3.35
C LYS B 505 22.42 8.39 4.15
N GLY B 506 21.79 8.14 5.28
CA GLY B 506 21.42 9.19 6.22
C GLY B 506 19.94 9.52 6.18
N ILE B 507 19.39 9.89 7.34
CA ILE B 507 17.96 10.19 7.43
C ILE B 507 17.60 11.40 6.57
N GLU B 508 18.53 12.35 6.46
CA GLU B 508 18.33 13.51 5.59
C GLU B 508 17.92 13.08 4.18
N ASN B 509 18.60 12.08 3.61
CA ASN B 509 18.34 11.63 2.25
C ASN B 509 17.18 10.63 2.14
N PHE B 510 16.36 10.51 3.19
CA PHE B 510 15.14 9.70 3.12
C PHE B 510 14.07 10.43 2.34
N GLU B 511 14.13 11.76 2.38
CA GLU B 511 13.12 12.60 1.78
C GLU B 511 13.26 12.69 0.27
N PHE B 512 12.12 12.82 -0.40
CA PHE B 512 12.05 13.05 -1.84
C PHE B 512 12.75 14.36 -2.23
N GLY B 513 13.50 14.30 -3.32
CA GLY B 513 14.14 15.48 -3.88
C GLY B 513 15.59 15.70 -3.48
N ALA B 514 16.20 14.74 -2.81
CA ALA B 514 17.56 14.94 -2.27
C ALA B 514 18.64 15.02 -3.35
N VAL B 515 18.44 14.34 -4.48
CA VAL B 515 19.41 14.39 -5.58
C VAL B 515 19.01 15.46 -6.56
N PRO B 516 19.89 16.46 -6.79
CA PRO B 516 19.52 17.61 -7.61
C PRO B 516 19.54 17.29 -9.10
N PRO B 517 18.85 18.12 -9.91
CA PRO B 517 18.84 17.89 -11.35
C PRO B 517 20.19 18.23 -11.97
N GLY B 518 20.51 17.58 -13.09
CA GLY B 518 21.80 17.78 -13.75
C GLY B 518 22.84 16.74 -13.36
N THR B 519 22.55 15.99 -12.29
CA THR B 519 23.41 14.89 -11.87
C THR B 519 23.51 13.87 -13.00
N ARG B 520 24.70 13.65 -13.53
CA ARG B 520 24.85 12.70 -14.63
C ARG B 520 24.73 11.27 -14.10
N LEU B 521 24.18 10.39 -14.94
CA LEU B 521 24.01 8.98 -14.60
C LEU B 521 25.34 8.23 -14.66
N GLY B 522 25.35 7.01 -14.12
CA GLY B 522 26.51 6.15 -14.18
C GLY B 522 26.76 5.66 -15.61
N PRO B 523 27.98 5.17 -15.88
CA PRO B 523 28.39 4.82 -17.25
C PRO B 523 27.56 3.67 -17.86
N ALA B 524 27.42 3.70 -19.18
CA ALA B 524 26.51 2.79 -19.90
C ALA B 524 26.83 1.31 -19.67
N VAL B 525 25.97 0.64 -18.90
CA VAL B 525 26.12 -0.79 -18.58
C VAL B 525 25.51 -1.68 -19.67
N GLU B 526 26.35 -2.07 -20.64
CA GLU B 526 25.88 -2.87 -21.78
C GLU B 526 26.29 -4.34 -21.66
N GLY B 527 25.36 -5.22 -22.02
CA GLY B 527 25.50 -6.66 -21.79
C GLY B 527 25.36 -7.00 -20.32
N GLU B 528 24.53 -6.24 -19.60
CA GLU B 528 24.43 -6.35 -18.14
C GLU B 528 22.99 -6.48 -17.64
N VAL B 529 22.81 -7.39 -16.69
CA VAL B 529 21.57 -7.50 -15.93
C VAL B 529 21.91 -7.18 -14.49
N LEU B 530 20.92 -6.70 -13.74
CA LEU B 530 21.06 -6.52 -12.31
C LEU B 530 20.83 -7.87 -11.62
N PHE B 531 19.70 -8.49 -11.95
CA PHE B 531 19.42 -9.87 -11.57
C PHE B 531 19.14 -10.70 -12.82
N SER B 532 19.63 -11.94 -12.85
CA SER B 532 19.35 -12.85 -13.95
C SER B 532 18.32 -13.88 -13.53
N LYS B 533 17.25 -14.03 -14.32
CA LYS B 533 16.21 -15.01 -14.04
C LYS B 533 16.73 -16.42 -14.28
N ARG B 534 16.08 -17.40 -13.67
CA ARG B 534 16.41 -18.81 -13.90
C ARG B 534 15.16 -19.63 -14.08
N SER B 535 15.13 -20.46 -15.12
CA SER B 535 13.92 -21.17 -15.53
C SER B 535 13.51 -22.26 -14.52
N THR B 536 12.23 -22.62 -14.55
CA THR B 536 11.70 -23.70 -13.70
C THR B 536 11.66 -25.02 -14.50
N GLU B 537 11.75 -26.15 -13.80
CA GLU B 537 11.86 -27.47 -14.45
C GLU B 537 10.56 -27.89 -15.13
C1 GOL C . -8.20 -8.45 -8.67
O1 GOL C . -9.12 -8.10 -7.62
C2 GOL C . -7.16 -7.33 -8.99
O2 GOL C . -6.91 -6.42 -7.90
C3 GOL C . -7.61 -6.42 -10.15
O3 GOL C . -8.47 -5.44 -9.57
C1 GOL D . -21.53 11.95 1.10
O1 GOL D . -22.05 12.85 0.12
C2 GOL D . -22.56 10.88 1.49
O2 GOL D . -22.15 9.57 1.05
C3 GOL D . -22.73 10.84 3.01
O3 GOL D . -23.60 9.73 3.35
C1 GOL E . -5.63 15.68 2.53
O1 GOL E . -6.57 15.15 3.47
C2 GOL E . -5.75 17.20 2.48
O2 GOL E . -6.87 17.61 1.67
C3 GOL E . -4.47 17.78 1.89
O3 GOL E . -3.38 17.54 2.79
C1 GOL F . -25.69 34.33 -38.29
O1 GOL F . -26.64 33.41 -37.74
C2 GOL F . -26.35 35.33 -39.24
O2 GOL F . -27.70 34.93 -39.51
C3 GOL F . -25.55 35.45 -40.55
O3 GOL F . -25.77 36.72 -41.17
C1 GOL G . -14.40 14.81 -39.53
O1 GOL G . -14.94 15.14 -40.83
C2 GOL G . -14.72 15.92 -38.53
O2 GOL G . -13.77 16.99 -38.62
C3 GOL G . -14.68 15.37 -37.11
O3 GOL G . -14.12 16.36 -36.25
C1 GOL H . -26.04 12.80 18.86
O1 GOL H . -27.17 13.37 19.55
C2 GOL H . -25.47 13.83 17.91
O2 GOL H . -24.11 13.51 17.61
C3 GOL H . -26.31 13.90 16.64
O3 GOL H . -25.71 13.11 15.61
C1 GOL I . -13.65 31.84 -46.45
O1 GOL I . -13.57 30.62 -45.70
C2 GOL I . -14.27 32.93 -45.59
O2 GOL I . -13.74 34.22 -45.94
C3 GOL I . -15.80 32.93 -45.76
O3 GOL I . -16.43 33.67 -44.71
O ME8 J . -23.40 10.49 -26.38
N1 ME8 J . -20.26 1.49 -20.90
O1 ME8 J . -25.66 10.13 -25.93
P1 ME8 J . -25.55 8.56 -25.53
C2 ME8 J . -19.92 2.60 -20.23
N2 ME8 J . -26.01 12.85 -25.95
N3 ME8 J . -20.52 3.77 -20.53
C4 ME8 J . -21.45 3.85 -21.50
C5 ME8 J . -21.80 2.71 -22.19
C6 ME8 J . -21.19 1.51 -21.87
N6 ME8 J . -21.52 0.38 -22.54
N7 ME8 J . -22.74 3.05 -23.09
C8 ME8 J . -22.96 4.37 -22.95
C9 ME8 J . -24.49 10.98 -26.20
N9 ME8 J . -22.17 4.86 -21.98
CA ME8 J . -24.65 12.48 -26.29
CB ME8 J . -23.62 13.16 -25.38
SD ME8 J . -22.99 15.35 -23.86
CE ME8 J . -22.32 16.92 -24.29
CG ME8 J . -23.76 14.69 -25.32
C1' ME8 J . -22.11 6.26 -21.52
O1S ME8 J . -26.67 8.09 -24.68
C2' ME8 J . -20.86 6.98 -21.96
O2' ME8 J . -20.65 8.05 -21.04
O2S ME8 J . -25.35 7.53 -26.75
C3' ME8 J . -21.20 7.57 -23.32
O3' ME8 J . -20.55 8.82 -23.59
C4' ME8 J . -22.69 7.77 -23.19
O4' ME8 J . -23.17 6.97 -22.11
C5' ME8 J . -23.46 7.44 -24.45
O5' ME8 J . -24.21 8.62 -24.68
C1 GOL K . 3.25 -13.38 -1.44
O1 GOL K . 4.56 -13.58 -0.89
C2 GOL K . 2.25 -13.76 -0.37
O2 GOL K . 2.55 -15.09 0.10
C3 GOL K . 2.37 -12.82 0.81
O3 GOL K . 3.59 -13.10 1.49
C1 GOL L . 29.54 -4.15 35.20
O1 GOL L . 29.04 -3.28 34.17
C2 GOL L . 28.40 -4.71 36.08
O2 GOL L . 28.56 -6.14 36.27
C3 GOL L . 28.39 -4.02 37.45
O3 GOL L . 27.80 -4.87 38.42
C1 GOL M . 38.81 -20.58 30.93
O1 GOL M . 38.72 -21.03 32.29
C2 GOL M . 39.06 -21.74 29.96
O2 GOL M . 37.90 -22.57 29.79
C3 GOL M . 39.43 -21.13 28.61
O3 GOL M . 38.25 -20.52 28.08
C1 GOL N . 35.14 -5.36 1.07
O1 GOL N . 33.74 -5.44 1.35
C2 GOL N . 35.47 -3.94 0.60
O2 GOL N . 34.29 -3.34 0.04
C3 GOL N . 36.01 -3.08 1.75
O3 GOL N . 34.93 -2.45 2.45
O ME8 O . 21.19 -22.23 21.72
N1 ME8 O . 16.13 -22.01 12.05
O1 ME8 O . 23.08 -22.13 20.29
P1 ME8 O . 22.59 -23.05 19.05
C2 ME8 O . 16.28 -20.76 12.47
N2 ME8 O . 24.44 -21.00 22.48
N3 ME8 O . 17.15 -20.45 13.44
C4 ME8 O . 17.91 -21.42 14.00
C5 ME8 O . 17.77 -22.73 13.58
C6 ME8 O . 16.86 -23.01 12.58
N6 ME8 O . 16.70 -24.27 12.15
N7 ME8 O . 18.62 -23.49 14.28
C8 ME8 O . 19.27 -22.66 15.13
C9 ME8 O . 22.33 -21.80 21.54
N9 ME8 O . 18.84 -21.39 14.95
CA ME8 O . 22.99 -20.93 22.60
CB ME8 O . 22.50 -19.48 22.52
SD ME8 O . 22.56 -16.96 23.60
CE ME8 O . 23.21 -16.03 24.96
CG ME8 O . 23.14 -18.63 23.61
C1' ME8 O . 19.30 -20.17 15.68
O1S ME8 O . 23.76 -23.36 18.21
C2' ME8 O . 18.21 -19.61 16.57
O2' ME8 O . 18.58 -18.28 16.95
O2S ME8 O . 21.76 -24.39 19.50
C3' ME8 O . 18.29 -20.55 17.76
O3' ME8 O . 17.69 -20.02 18.95
C4' ME8 O . 19.80 -20.67 17.91
O4' ME8 O . 20.35 -20.47 16.60
C5' ME8 O . 20.25 -22.00 18.47
O5' ME8 O . 21.64 -22.08 18.20
#